data_3CKB
#
_entry.id   3CKB
#
_cell.length_a   61.690
_cell.length_b   67.710
_cell.length_c   83.290
_cell.angle_alpha   111.160
_cell.angle_beta   92.940
_cell.angle_gamma   109.060
#
_symmetry.space_group_name_H-M   'P 1'
#
loop_
_entity.id
_entity.type
_entity.pdbx_description
1 polymer SusD
2 branched alpha-D-glucopyranose-(1-4)-alpha-D-glucopyranose-(1-4)-alpha-D-glucopyranose
3 non-polymer 'CALCIUM ION'
4 water water
#
_entity_poly.entity_id   1
_entity_poly.type   'polypeptide(L)'
_entity_poly.pdbx_seq_one_letter_code
;GINDLDISPIDPQTGGSFDQQGVFVKGYAMLGVTGQKGIDGSPDLDGQDEGESGFYRTTFNCNELPTDECLWAWQKNQDI
PQLTSISWSPSSQRTEWVYVRLGYDITQYNFFLDQTEGMTDAETLRQRAEIRFLRALHYWYFLDLFGKAPFKEHFSNDLP
VEKKGTELYTYIQNELNEIEADMYEPRQAPFGRADKAANWLLRARLYLNAGVYTGQTDYAKAEEYASKVIGSAYKLCTNY
SELFMADNDENENAMQEIILPIRQDGVKTRNYGGSTYLVCGTRVAGMPRMGTTNGWSCIFARAAMVQKFFSNLEDVPMLP
ADVEIPTKGLDTDEQIDAFDAEHGIRTEDMIKAAGDDRALLYSGVGGGRRKIQTDAISGFTDGLSIVKWQNYRSDGKPVS
HATYPDTDIPLFRLAEAYLTRAEAIFRQGGDATGDINELRKRANCTRKVQTVTEQELIDEWAREFYLEGRRRSDLVRFGM
FTTNKYLWDWKGGAMNGTSVASYYNKYPIPVSDINNNRNMSQNEGYK
;
_entity_poly.pdbx_strand_id   A,B
#
loop_
_chem_comp.id
_chem_comp.type
_chem_comp.name
_chem_comp.formula
CA non-polymer 'CALCIUM ION' 'Ca 2'
GLC D-saccharide, alpha linking alpha-D-glucopyranose 'C6 H12 O6'
#
# COMPACT_ATOMS: atom_id res chain seq x y z
N SER A 17 30.24 -21.77 38.39
CA SER A 17 29.84 -20.72 39.35
C SER A 17 29.13 -19.57 38.63
N PHE A 18 29.41 -18.33 39.05
CA PHE A 18 28.77 -17.16 38.46
C PHE A 18 29.05 -17.01 36.96
N ASP A 19 27.98 -16.96 36.17
CA ASP A 19 28.08 -16.80 34.73
C ASP A 19 27.72 -15.35 34.43
N GLN A 20 28.73 -14.49 34.37
CA GLN A 20 28.50 -13.06 34.13
C GLN A 20 27.70 -12.76 32.87
N GLN A 21 28.07 -13.38 31.76
CA GLN A 21 27.38 -13.14 30.50
C GLN A 21 25.93 -13.62 30.59
N GLY A 22 25.75 -14.84 31.08
CA GLY A 22 24.41 -15.40 31.20
C GLY A 22 23.48 -14.59 32.08
N VAL A 23 23.99 -14.19 33.25
CA VAL A 23 23.20 -13.40 34.19
C VAL A 23 22.91 -12.02 33.60
N PHE A 24 23.87 -11.46 32.89
CA PHE A 24 23.69 -10.14 32.30
C PHE A 24 22.55 -10.17 31.26
N VAL A 25 22.58 -11.18 30.40
CA VAL A 25 21.55 -11.34 29.37
C VAL A 25 20.17 -11.53 29.99
N LYS A 26 20.09 -12.29 31.08
CA LYS A 26 18.83 -12.52 31.76
C LYS A 26 18.29 -11.18 32.28
N GLY A 27 19.21 -10.31 32.70
CA GLY A 27 18.81 -9.02 33.21
C GLY A 27 17.90 -8.27 32.24
N TYR A 28 18.27 -8.31 30.96
CA TYR A 28 17.47 -7.65 29.94
C TYR A 28 16.29 -8.53 29.52
N ALA A 29 16.55 -9.83 29.38
CA ALA A 29 15.51 -10.78 28.99
C ALA A 29 14.27 -10.71 29.88
N MET A 30 14.48 -10.38 31.16
CA MET A 30 13.37 -10.28 32.12
C MET A 30 12.36 -9.21 31.71
N LEU A 31 12.78 -8.30 30.85
CA LEU A 31 11.89 -7.24 30.39
C LEU A 31 10.88 -7.77 29.39
N GLY A 32 11.26 -8.81 28.64
CA GLY A 32 10.35 -9.31 27.61
C GLY A 32 9.91 -10.76 27.57
N VAL A 33 10.14 -11.51 28.65
CA VAL A 33 9.73 -12.91 28.66
C VAL A 33 9.75 -13.48 30.07
N THR A 34 9.02 -14.57 30.27
CA THR A 34 8.96 -15.22 31.56
C THR A 34 9.86 -16.46 31.54
N GLY A 35 10.40 -16.82 32.70
CA GLY A 35 11.28 -17.97 32.78
C GLY A 35 10.63 -19.20 32.18
N PRO A 43 9.33 -15.84 40.31
CA PRO A 43 8.41 -14.73 40.05
C PRO A 43 7.02 -15.22 39.65
N ASP A 44 6.95 -16.47 39.20
CA ASP A 44 5.69 -17.07 38.78
C ASP A 44 4.88 -17.46 40.01
N LEU A 45 3.55 -17.36 39.89
CA LEU A 45 2.65 -17.70 40.99
C LEU A 45 1.53 -18.62 40.51
N ASP A 46 0.91 -19.34 41.43
CA ASP A 46 -0.19 -20.23 41.08
C ASP A 46 -1.33 -19.42 40.48
N GLY A 47 -2.07 -20.02 39.56
CA GLY A 47 -3.18 -19.32 38.93
C GLY A 47 -2.75 -18.48 37.75
N GLN A 48 -1.51 -18.66 37.31
CA GLN A 48 -0.98 -17.91 36.18
C GLN A 48 -0.83 -18.77 34.94
N ASP A 49 -1.37 -18.29 33.82
CA ASP A 49 -1.27 -19.02 32.56
C ASP A 49 0.13 -18.78 31.99
N GLU A 50 0.31 -19.07 30.71
CA GLU A 50 1.61 -18.88 30.08
C GLU A 50 2.03 -17.41 29.99
N GLY A 51 3.16 -17.10 30.61
CA GLY A 51 3.71 -15.76 30.58
C GLY A 51 2.98 -14.65 31.32
N GLU A 52 2.04 -14.98 32.19
CA GLU A 52 1.30 -13.96 32.92
C GLU A 52 2.09 -13.18 33.98
N SER A 53 3.16 -13.75 34.49
CA SER A 53 3.97 -13.08 35.51
C SER A 53 4.88 -12.04 34.85
N GLY A 54 4.85 -12.05 33.52
CA GLY A 54 5.69 -11.14 32.76
C GLY A 54 5.77 -9.70 33.20
N PHE A 55 6.98 -9.17 33.23
CA PHE A 55 7.23 -7.79 33.59
C PHE A 55 6.37 -6.86 32.73
N TYR A 56 6.36 -7.11 31.43
CA TYR A 56 5.59 -6.23 30.55
C TYR A 56 4.09 -6.33 30.71
N ARG A 57 3.56 -7.55 30.73
CA ARG A 57 2.11 -7.72 30.87
C ARG A 57 1.57 -7.14 32.18
N THR A 58 2.17 -7.52 33.31
CA THR A 58 1.70 -7.03 34.60
C THR A 58 1.72 -5.50 34.70
N THR A 59 2.83 -4.88 34.34
CA THR A 59 2.91 -3.42 34.41
C THR A 59 1.95 -2.80 33.40
N PHE A 60 1.87 -3.38 32.20
CA PHE A 60 0.97 -2.87 31.16
C PHE A 60 -0.48 -2.87 31.64
N ASN A 61 -0.94 -3.98 32.20
CA ASN A 61 -2.30 -4.07 32.68
C ASN A 61 -2.63 -3.05 33.77
N CYS A 62 -1.70 -2.86 34.71
CA CYS A 62 -1.91 -1.89 35.78
C CYS A 62 -2.01 -0.46 35.26
N ASN A 63 -1.38 -0.18 34.13
CA ASN A 63 -1.43 1.16 33.57
C ASN A 63 -2.36 1.32 32.38
N GLU A 64 -3.07 0.26 32.02
CA GLU A 64 -3.96 0.31 30.86
C GLU A 64 -5.40 -0.13 31.11
N LEU A 65 -5.57 -1.33 31.63
CA LEU A 65 -6.90 -1.87 31.86
C LEU A 65 -7.83 -0.95 32.68
N PRO A 66 -7.27 -0.15 33.59
CA PRO A 66 -8.16 0.71 34.38
C PRO A 66 -8.38 2.07 33.71
N THR A 67 -7.69 2.29 32.60
CA THR A 67 -7.76 3.57 31.90
C THR A 67 -8.83 3.74 30.83
N ASP A 68 -8.75 4.87 30.14
CA ASP A 68 -9.69 5.22 29.08
C ASP A 68 -9.25 4.64 27.74
N GLU A 69 -8.10 3.96 27.70
CA GLU A 69 -7.61 3.43 26.43
C GLU A 69 -8.17 2.09 25.98
N CYS A 70 -8.44 1.18 26.92
CA CYS A 70 -8.94 -0.13 26.52
C CYS A 70 -9.74 -0.86 27.58
N LEU A 71 -10.24 -2.03 27.19
CA LEU A 71 -11.05 -2.89 28.05
C LEU A 71 -10.69 -4.37 27.82
N TRP A 72 -10.76 -5.16 28.88
CA TRP A 72 -10.47 -6.57 28.77
C TRP A 72 -11.83 -7.22 28.51
N ALA A 73 -11.93 -7.99 27.42
CA ALA A 73 -13.19 -8.61 27.03
C ALA A 73 -13.75 -9.70 27.94
N TRP A 74 -12.87 -10.42 28.64
CA TRP A 74 -13.34 -11.49 29.51
C TRP A 74 -13.43 -11.06 30.96
N GLN A 75 -14.51 -10.37 31.28
CA GLN A 75 -14.73 -9.87 32.63
C GLN A 75 -14.81 -10.94 33.72
N LYS A 76 -14.92 -12.21 33.34
CA LYS A 76 -14.99 -13.27 34.32
C LYS A 76 -13.61 -13.64 34.87
N ASN A 77 -12.56 -13.38 34.10
CA ASN A 77 -11.20 -13.68 34.55
C ASN A 77 -11.02 -13.03 35.93
N GLN A 78 -10.25 -13.67 36.79
CA GLN A 78 -10.05 -13.14 38.13
C GLN A 78 -9.41 -11.76 38.19
N ASP A 79 -10.01 -10.89 39.01
CA ASP A 79 -9.53 -9.54 39.26
C ASP A 79 -9.67 -8.55 38.10
N ILE A 80 -10.21 -9.01 36.98
CA ILE A 80 -10.39 -8.12 35.82
C ILE A 80 -11.42 -7.02 36.10
N PRO A 81 -12.56 -7.38 36.71
CA PRO A 81 -13.57 -6.36 37.01
C PRO A 81 -12.97 -5.25 37.89
N GLN A 82 -12.17 -5.65 38.87
CA GLN A 82 -11.53 -4.71 39.78
C GLN A 82 -10.60 -3.75 39.05
N LEU A 83 -9.71 -4.31 38.22
CA LEU A 83 -8.78 -3.48 37.46
C LEU A 83 -9.52 -2.61 36.45
N THR A 84 -10.56 -3.16 35.83
CA THR A 84 -11.32 -2.43 34.83
C THR A 84 -11.99 -1.19 35.39
N SER A 85 -12.63 -1.35 36.55
CA SER A 85 -13.35 -0.28 37.22
C SER A 85 -12.58 0.56 38.23
N ILE A 86 -11.36 0.18 38.55
CA ILE A 86 -10.54 0.89 39.55
C ILE A 86 -11.25 0.69 40.89
N SER A 87 -11.37 -0.57 41.28
CA SER A 87 -12.04 -0.91 42.52
C SER A 87 -11.38 -2.12 43.19
N TRP A 88 -10.09 -2.30 42.93
CA TRP A 88 -9.32 -3.41 43.50
C TRP A 88 -9.08 -3.21 45.00
N SER A 89 -8.59 -4.26 45.66
CA SER A 89 -8.30 -4.21 47.10
C SER A 89 -6.91 -4.79 47.31
N PRO A 90 -6.39 -4.73 48.56
CA PRO A 90 -5.06 -5.28 48.85
C PRO A 90 -4.88 -6.76 48.53
N SER A 91 -5.97 -7.47 48.26
CA SER A 91 -5.88 -8.88 47.93
C SER A 91 -5.84 -9.07 46.41
N SER A 92 -5.86 -7.97 45.68
CA SER A 92 -5.83 -7.98 44.22
C SER A 92 -4.75 -8.90 43.67
N GLN A 93 -5.14 -9.86 42.85
CA GLN A 93 -4.19 -10.80 42.28
C GLN A 93 -3.24 -10.12 41.28
N ARG A 94 -3.77 -9.20 40.48
CA ARG A 94 -2.94 -8.50 39.49
C ARG A 94 -1.98 -7.53 40.14
N THR A 95 -2.38 -6.94 41.25
CA THR A 95 -1.49 -6.01 41.94
C THR A 95 -0.32 -6.81 42.49
N GLU A 96 -0.60 -7.99 43.04
CA GLU A 96 0.44 -8.83 43.59
C GLU A 96 1.38 -9.34 42.50
N TRP A 97 0.80 -9.72 41.36
CA TRP A 97 1.57 -10.23 40.25
C TRP A 97 2.67 -9.28 39.81
N VAL A 98 2.32 -8.00 39.63
CA VAL A 98 3.29 -6.99 39.21
C VAL A 98 4.26 -6.60 40.31
N TYR A 99 3.80 -6.69 41.57
CA TYR A 99 4.63 -6.35 42.74
C TYR A 99 5.73 -7.39 42.91
N VAL A 100 5.34 -8.66 42.83
CA VAL A 100 6.27 -9.77 42.98
C VAL A 100 7.26 -9.81 41.81
N ARG A 101 6.81 -9.46 40.61
CA ARG A 101 7.68 -9.47 39.45
C ARG A 101 8.70 -8.34 39.52
N LEU A 102 8.24 -7.14 39.85
CA LEU A 102 9.16 -6.01 39.95
C LEU A 102 10.23 -6.30 41.01
N GLY A 103 9.82 -6.91 42.12
CA GLY A 103 10.75 -7.24 43.18
C GLY A 103 11.76 -8.32 42.79
N TYR A 104 11.27 -9.41 42.22
CA TYR A 104 12.15 -10.49 41.80
C TYR A 104 13.22 -9.99 40.83
N ASP A 105 12.80 -9.25 39.80
CA ASP A 105 13.75 -8.71 38.83
C ASP A 105 14.89 -7.98 39.54
N ILE A 106 14.52 -7.13 40.48
CA ILE A 106 15.51 -6.37 41.25
C ILE A 106 16.48 -7.27 42.03
N THR A 107 15.98 -8.37 42.58
CA THR A 107 16.86 -9.27 43.32
C THR A 107 17.93 -9.80 42.37
N GLN A 108 17.56 -9.99 41.11
CA GLN A 108 18.51 -10.49 40.11
C GLN A 108 19.52 -9.41 39.76
N TYR A 109 19.08 -8.16 39.65
CA TYR A 109 20.01 -7.09 39.33
C TYR A 109 20.97 -6.92 40.48
N ASN A 110 20.49 -7.09 41.71
CA ASN A 110 21.34 -6.93 42.88
C ASN A 110 22.34 -8.08 42.93
N PHE A 111 21.92 -9.25 42.48
CA PHE A 111 22.82 -10.40 42.48
C PHE A 111 23.99 -10.10 41.55
N PHE A 112 23.69 -9.74 40.31
CA PHE A 112 24.72 -9.43 39.33
C PHE A 112 25.67 -8.34 39.80
N LEU A 113 25.13 -7.25 40.32
CA LEU A 113 25.95 -6.14 40.79
C LEU A 113 26.87 -6.56 41.94
N ASP A 114 26.41 -7.50 42.76
CA ASP A 114 27.22 -7.96 43.88
C ASP A 114 28.29 -8.93 43.41
N GLN A 115 27.96 -9.72 42.39
CA GLN A 115 28.92 -10.70 41.87
C GLN A 115 30.03 -10.10 41.03
N THR A 116 29.83 -8.88 40.53
CA THR A 116 30.83 -8.22 39.71
C THR A 116 31.41 -7.00 40.39
N GLU A 117 31.10 -6.82 41.67
CA GLU A 117 31.61 -5.68 42.41
C GLU A 117 33.14 -5.64 42.32
N GLY A 118 33.70 -4.46 42.08
CA GLY A 118 35.14 -4.32 42.00
C GLY A 118 35.75 -4.51 40.63
N MET A 119 35.05 -5.18 39.72
CA MET A 119 35.58 -5.39 38.38
C MET A 119 35.70 -4.03 37.69
N THR A 120 36.76 -3.85 36.92
CA THR A 120 36.97 -2.58 36.27
C THR A 120 37.14 -2.63 34.75
N ASP A 121 37.01 -3.81 34.15
CA ASP A 121 37.15 -3.89 32.69
C ASP A 121 36.05 -3.05 32.02
N ALA A 122 36.32 -2.60 30.80
CA ALA A 122 35.38 -1.77 30.06
C ALA A 122 33.96 -2.31 29.96
N GLU A 123 33.81 -3.54 29.48
CA GLU A 123 32.48 -4.12 29.33
C GLU A 123 31.71 -4.22 30.65
N THR A 124 32.35 -4.75 31.69
CA THR A 124 31.68 -4.89 32.99
C THR A 124 31.24 -3.53 33.52
N LEU A 125 32.03 -2.50 33.28
CA LEU A 125 31.65 -1.17 33.73
C LEU A 125 30.34 -0.78 33.03
N ARG A 126 30.24 -1.07 31.74
CA ARG A 126 29.03 -0.77 30.99
C ARG A 126 27.89 -1.66 31.52
N GLN A 127 28.18 -2.93 31.70
CA GLN A 127 27.17 -3.89 32.18
C GLN A 127 26.57 -3.48 33.52
N ARG A 128 27.42 -3.06 34.45
CA ARG A 128 26.95 -2.65 35.77
C ARG A 128 26.12 -1.38 35.65
N ALA A 129 26.58 -0.46 34.81
CA ALA A 129 25.87 0.79 34.60
C ALA A 129 24.46 0.47 34.07
N GLU A 130 24.40 -0.40 33.08
CA GLU A 130 23.14 -0.79 32.47
C GLU A 130 22.25 -1.56 33.44
N ILE A 131 22.85 -2.41 34.26
CA ILE A 131 22.04 -3.17 35.22
C ILE A 131 21.45 -2.22 36.25
N ARG A 132 22.24 -1.24 36.69
CA ARG A 132 21.76 -0.26 37.66
C ARG A 132 20.67 0.54 36.99
N PHE A 133 20.77 0.70 35.67
CA PHE A 133 19.75 1.43 34.94
C PHE A 133 18.44 0.64 35.00
N LEU A 134 18.53 -0.66 34.72
CA LEU A 134 17.35 -1.51 34.73
C LEU A 134 16.74 -1.57 36.13
N ARG A 135 17.59 -1.54 37.15
CA ARG A 135 17.11 -1.58 38.52
C ARG A 135 16.38 -0.27 38.83
N ALA A 136 16.96 0.83 38.38
CA ALA A 136 16.38 2.14 38.58
C ALA A 136 15.03 2.24 37.88
N LEU A 137 14.92 1.58 36.74
CA LEU A 137 13.68 1.59 35.97
C LEU A 137 12.60 0.84 36.72
N HIS A 138 12.99 -0.26 37.33
CA HIS A 138 12.04 -1.06 38.10
C HIS A 138 11.58 -0.30 39.34
N TYR A 139 12.47 0.49 39.95
CA TYR A 139 12.06 1.25 41.12
C TYR A 139 11.11 2.37 40.72
N TRP A 140 11.24 2.87 39.49
CA TRP A 140 10.35 3.93 39.03
C TRP A 140 8.94 3.33 39.05
N TYR A 141 8.80 2.15 38.45
CA TYR A 141 7.51 1.48 38.42
C TYR A 141 6.94 1.37 39.82
N PHE A 142 7.79 0.97 40.78
CA PHE A 142 7.34 0.86 42.17
C PHE A 142 6.85 2.21 42.65
N LEU A 143 7.68 3.22 42.43
CA LEU A 143 7.35 4.58 42.83
C LEU A 143 6.04 5.05 42.21
N ASP A 144 5.97 5.00 40.89
CA ASP A 144 4.80 5.43 40.14
C ASP A 144 3.52 4.64 40.42
N LEU A 145 3.66 3.34 40.70
CA LEU A 145 2.50 2.49 40.95
C LEU A 145 2.08 2.37 42.42
N PHE A 146 3.05 2.30 43.31
CA PHE A 146 2.76 2.13 44.73
C PHE A 146 3.16 3.32 45.60
N GLY A 147 4.03 4.17 45.07
CA GLY A 147 4.48 5.33 45.82
C GLY A 147 5.57 5.01 46.82
N LYS A 148 5.98 3.74 46.85
CA LYS A 148 7.02 3.27 47.76
C LYS A 148 7.51 1.93 47.22
N ALA A 149 8.55 1.38 47.80
CA ALA A 149 9.05 0.10 47.32
C ALA A 149 9.80 -0.73 48.34
N PRO A 150 9.75 -2.07 48.20
CA PRO A 150 10.46 -2.94 49.13
C PRO A 150 11.89 -2.77 48.63
N PHE A 151 12.66 -1.97 49.36
CA PHE A 151 14.03 -1.66 48.97
C PHE A 151 15.11 -2.58 49.50
N LYS A 152 16.05 -2.90 48.62
CA LYS A 152 17.20 -3.74 48.92
C LYS A 152 18.27 -3.39 47.92
N GLU A 153 19.47 -3.09 48.43
CA GLU A 153 20.59 -2.72 47.58
C GLU A 153 21.39 -3.96 47.20
N HIS A 154 21.34 -4.98 48.04
CA HIS A 154 22.10 -6.20 47.80
C HIS A 154 21.24 -7.46 47.84
N PHE A 155 21.83 -8.56 47.38
CA PHE A 155 21.15 -9.85 47.33
C PHE A 155 21.45 -10.62 48.63
N SER A 156 20.44 -10.74 49.49
CA SER A 156 20.58 -11.44 50.77
C SER A 156 19.21 -11.84 51.31
N ASN A 157 19.19 -12.58 52.42
CA ASN A 157 17.94 -13.02 53.01
C ASN A 157 17.26 -11.98 53.88
N ASP A 158 17.90 -10.83 54.05
CA ASP A 158 17.32 -9.77 54.88
C ASP A 158 16.07 -9.20 54.23
N LEU A 159 15.05 -8.97 55.06
CA LEU A 159 13.79 -8.42 54.57
C LEU A 159 14.00 -7.04 53.98
N PRO A 160 13.40 -6.78 52.81
CA PRO A 160 13.55 -5.46 52.18
C PRO A 160 12.98 -4.42 53.13
N VAL A 161 13.55 -3.22 53.13
CA VAL A 161 13.06 -2.14 53.98
C VAL A 161 12.24 -1.22 53.08
N GLU A 162 11.24 -0.56 53.65
CA GLU A 162 10.39 0.34 52.88
C GLU A 162 11.07 1.67 52.58
N LYS A 163 11.02 2.11 51.32
CA LYS A 163 11.59 3.39 50.96
C LYS A 163 10.49 4.21 50.30
N LYS A 164 9.94 5.16 51.06
CA LYS A 164 8.85 6.02 50.60
C LYS A 164 9.17 6.96 49.45
N GLY A 165 8.11 7.52 48.88
CA GLY A 165 8.19 8.44 47.76
C GLY A 165 9.44 9.25 47.53
N THR A 166 9.50 10.44 48.12
CA THR A 166 10.65 11.35 47.94
C THR A 166 12.01 10.71 48.11
N GLU A 167 12.15 9.81 49.08
CA GLU A 167 13.43 9.15 49.30
C GLU A 167 13.72 8.23 48.12
N LEU A 168 12.69 7.52 47.67
CA LEU A 168 12.79 6.60 46.56
C LEU A 168 13.10 7.38 45.28
N TYR A 169 12.52 8.57 45.17
CA TYR A 169 12.71 9.44 44.02
C TYR A 169 14.17 9.85 43.92
N THR A 170 14.68 10.39 45.02
CA THR A 170 16.06 10.84 45.07
C THR A 170 17.02 9.71 44.79
N TYR A 171 16.73 8.53 45.33
CA TYR A 171 17.57 7.37 45.11
C TYR A 171 17.67 7.06 43.62
N ILE A 172 16.52 7.02 42.97
CA ILE A 172 16.46 6.73 41.53
C ILE A 172 17.22 7.76 40.71
N GLN A 173 16.97 9.04 40.97
CA GLN A 173 17.63 10.12 40.24
C GLN A 173 19.14 10.07 40.45
N ASN A 174 19.55 9.70 41.65
CA ASN A 174 20.97 9.61 41.97
C ASN A 174 21.62 8.45 41.23
N GLU A 175 20.95 7.30 41.20
CA GLU A 175 21.48 6.13 40.51
C GLU A 175 21.76 6.47 39.05
N LEU A 176 20.78 7.08 38.41
CA LEU A 176 20.88 7.46 37.00
C LEU A 176 21.98 8.47 36.76
N ASN A 177 22.11 9.42 37.68
CA ASN A 177 23.14 10.44 37.55
C ASN A 177 24.55 9.89 37.65
N GLU A 178 24.73 8.88 38.50
CA GLU A 178 26.06 8.31 38.69
C GLU A 178 26.51 7.30 37.63
N ILE A 179 25.57 6.57 37.03
CA ILE A 179 25.94 5.58 36.03
C ILE A 179 26.12 6.15 34.62
N GLU A 180 25.51 7.30 34.36
CA GLU A 180 25.58 7.93 33.04
C GLU A 180 26.94 7.83 32.37
N ALA A 181 27.96 8.28 33.09
CA ALA A 181 29.32 8.28 32.58
C ALA A 181 29.80 6.96 31.95
N ASP A 182 29.39 5.83 32.55
CA ASP A 182 29.81 4.52 32.03
C ASP A 182 28.89 3.89 31.00
N MET A 183 27.87 4.62 30.57
CA MET A 183 26.94 4.06 29.57
C MET A 183 27.32 4.46 28.15
N TYR A 184 26.90 3.65 27.19
CA TYR A 184 27.16 3.91 25.77
C TYR A 184 26.59 5.28 25.38
N GLU A 185 27.20 5.88 24.36
CA GLU A 185 26.72 7.16 23.85
C GLU A 185 25.43 6.83 23.10
N PRO A 186 24.58 7.84 22.83
CA PRO A 186 23.32 7.61 22.12
C PRO A 186 23.48 6.83 20.81
N ARG A 187 22.74 5.74 20.69
CA ARG A 187 22.76 4.88 19.52
C ARG A 187 24.08 4.16 19.30
N GLN A 188 24.86 4.01 20.36
CA GLN A 188 26.14 3.33 20.25
C GLN A 188 26.14 1.95 20.90
N ALA A 189 25.07 1.64 21.62
CA ALA A 189 24.97 0.35 22.28
C ALA A 189 24.32 -0.65 21.36
N PRO A 190 24.59 -1.96 21.59
CA PRO A 190 23.96 -2.97 20.74
C PRO A 190 22.46 -2.73 20.87
N PHE A 191 21.71 -2.92 19.79
CA PHE A 191 20.27 -2.69 19.83
C PHE A 191 19.64 -3.60 20.88
N GLY A 192 18.97 -3.00 21.85
CA GLY A 192 18.34 -3.77 22.92
C GLY A 192 18.93 -3.40 24.27
N ARG A 193 20.06 -2.70 24.26
CA ARG A 193 20.70 -2.29 25.51
C ARG A 193 20.53 -0.78 25.69
N ALA A 194 20.48 -0.34 26.95
CA ALA A 194 20.28 1.08 27.26
C ALA A 194 21.54 1.93 27.17
N ASP A 195 21.40 3.14 26.64
CA ASP A 195 22.51 4.08 26.52
C ASP A 195 22.20 5.34 27.30
N LYS A 196 23.07 6.35 27.20
CA LYS A 196 22.86 7.60 27.92
C LYS A 196 21.52 8.26 27.62
N ALA A 197 21.04 8.11 26.39
CA ALA A 197 19.76 8.70 25.99
C ALA A 197 18.62 8.03 26.75
N ALA A 198 18.76 6.74 27.02
CA ALA A 198 17.74 6.01 27.76
C ALA A 198 17.76 6.52 29.20
N ASN A 199 18.96 6.84 29.67
CA ASN A 199 19.15 7.35 31.03
C ASN A 199 18.51 8.73 31.14
N TRP A 200 18.77 9.60 30.17
CA TRP A 200 18.22 10.94 30.17
C TRP A 200 16.69 10.93 30.07
N LEU A 201 16.17 10.10 29.18
CA LEU A 201 14.73 10.02 28.99
C LEU A 201 14.03 9.61 30.28
N LEU A 202 14.58 8.61 30.97
CA LEU A 202 13.98 8.16 32.23
C LEU A 202 14.03 9.29 33.27
N ARG A 203 15.16 9.98 33.38
CA ARG A 203 15.27 11.07 34.35
C ARG A 203 14.23 12.13 34.02
N ALA A 204 14.08 12.42 32.72
CA ALA A 204 13.12 13.41 32.26
C ALA A 204 11.72 13.00 32.72
N ARG A 205 11.45 11.70 32.66
CA ARG A 205 10.16 11.17 33.08
C ARG A 205 9.99 11.37 34.58
N LEU A 206 11.05 11.10 35.33
CA LEU A 206 11.02 11.26 36.78
C LEU A 206 10.76 12.73 37.13
N TYR A 207 11.44 13.63 36.44
CA TYR A 207 11.25 15.06 36.67
C TYR A 207 9.84 15.53 36.35
N LEU A 208 9.30 15.05 35.22
CA LEU A 208 7.95 15.43 34.82
C LEU A 208 6.93 15.00 35.87
N ASN A 209 7.20 13.89 36.55
CA ASN A 209 6.28 13.39 37.56
C ASN A 209 6.76 13.73 38.98
N ALA A 210 7.82 14.54 39.08
CA ALA A 210 8.39 14.92 40.38
C ALA A 210 7.34 15.48 41.34
N GLY A 211 6.44 16.30 40.81
CA GLY A 211 5.40 16.88 41.62
C GLY A 211 4.52 15.81 42.26
N VAL A 212 4.31 14.73 41.52
CA VAL A 212 3.49 13.63 42.01
C VAL A 212 4.18 12.80 43.08
N TYR A 213 5.45 12.47 42.83
CA TYR A 213 6.21 11.64 43.75
C TYR A 213 6.82 12.36 44.95
N THR A 214 7.06 13.66 44.80
CA THR A 214 7.67 14.40 45.91
C THR A 214 6.78 15.51 46.46
N GLY A 215 5.84 15.99 45.64
CA GLY A 215 4.96 17.04 46.07
C GLY A 215 5.55 18.37 45.62
N GLN A 216 6.71 18.27 44.98
CA GLN A 216 7.40 19.45 44.48
C GLN A 216 7.67 19.25 42.99
N THR A 217 7.21 20.18 42.15
CA THR A 217 7.41 20.04 40.71
C THR A 217 8.82 20.44 40.29
N ASP A 218 9.25 19.90 39.16
CA ASP A 218 10.58 20.16 38.63
C ASP A 218 10.48 20.11 37.11
N TYR A 219 9.54 20.89 36.57
CA TYR A 219 9.33 20.89 35.13
C TYR A 219 10.52 21.44 34.35
N ALA A 220 11.29 22.32 34.97
CA ALA A 220 12.47 22.88 34.32
C ALA A 220 13.47 21.76 34.01
N LYS A 221 13.66 20.85 34.95
CA LYS A 221 14.58 19.74 34.74
C LYS A 221 14.00 18.76 33.72
N ALA A 222 12.68 18.61 33.72
CA ALA A 222 12.03 17.72 32.78
C ALA A 222 12.39 18.19 31.36
N GLU A 223 12.30 19.51 31.14
CA GLU A 223 12.61 20.11 29.85
C GLU A 223 14.09 19.92 29.49
N GLU A 224 14.96 20.12 30.48
CA GLU A 224 16.41 19.99 30.30
C GLU A 224 16.79 18.64 29.71
N TYR A 225 16.39 17.57 30.39
CA TYR A 225 16.72 16.23 29.91
C TYR A 225 16.01 15.81 28.65
N ALA A 226 14.75 16.20 28.50
CA ALA A 226 14.02 15.86 27.30
C ALA A 226 14.78 16.47 26.14
N SER A 227 15.34 17.66 26.36
CA SER A 227 16.10 18.36 25.34
C SER A 227 17.41 17.64 25.02
N LYS A 228 18.05 17.08 26.04
CA LYS A 228 19.29 16.35 25.81
C LYS A 228 18.97 15.18 24.86
N VAL A 229 17.87 14.50 25.12
CA VAL A 229 17.45 13.37 24.30
C VAL A 229 17.21 13.84 22.86
N ILE A 230 16.41 14.89 22.72
CA ILE A 230 16.08 15.44 21.41
C ILE A 230 17.34 15.88 20.68
N GLY A 231 18.35 16.29 21.45
CA GLY A 231 19.59 16.72 20.85
C GLY A 231 20.51 15.56 20.45
N SER A 232 20.18 14.35 20.88
CA SER A 232 21.01 13.18 20.54
C SER A 232 20.85 12.76 19.08
N ALA A 233 21.48 11.64 18.72
CA ALA A 233 21.43 11.11 17.37
C ALA A 233 20.05 10.55 17.02
N TYR A 234 19.25 10.25 18.03
CA TYR A 234 17.91 9.72 17.80
C TYR A 234 17.06 10.68 16.97
N LYS A 235 16.23 10.12 16.10
CA LYS A 235 15.35 10.90 15.23
C LYS A 235 13.99 10.21 15.16
N LEU A 236 12.96 10.95 14.78
CA LEU A 236 11.63 10.37 14.67
C LEU A 236 11.46 9.56 13.40
N CYS A 237 10.82 8.41 13.56
CA CYS A 237 10.52 7.52 12.44
C CYS A 237 9.56 8.30 11.54
N THR A 238 9.71 8.19 10.22
CA THR A 238 8.84 8.92 9.30
C THR A 238 7.47 8.27 9.11
N ASN A 239 7.35 7.02 9.53
CA ASN A 239 6.09 6.28 9.40
C ASN A 239 5.79 5.70 10.77
N TYR A 240 4.82 6.29 11.45
CA TYR A 240 4.44 5.86 12.79
C TYR A 240 4.20 4.37 12.93
N SER A 241 3.41 3.80 12.03
CA SER A 241 3.09 2.37 12.08
C SER A 241 4.31 1.46 12.12
N GLU A 242 5.37 1.85 11.40
CA GLU A 242 6.57 1.03 11.35
C GLU A 242 7.26 0.80 12.70
N LEU A 243 6.94 1.65 13.67
CA LEU A 243 7.52 1.55 15.01
C LEU A 243 7.01 0.33 15.76
N PHE A 244 5.85 -0.15 15.35
CA PHE A 244 5.23 -1.29 16.01
C PHE A 244 5.04 -2.49 15.07
N MET A 245 5.98 -2.68 14.16
CA MET A 245 5.90 -3.79 13.23
C MET A 245 7.03 -4.80 13.46
N ALA A 246 6.85 -5.99 12.90
CA ALA A 246 7.78 -7.10 13.05
C ALA A 246 9.26 -6.79 12.78
N ASP A 247 9.53 -5.80 11.95
CA ASP A 247 10.93 -5.48 11.64
C ASP A 247 11.43 -4.18 12.27
N ASN A 248 10.89 -3.80 13.43
CA ASN A 248 11.33 -2.57 14.07
C ASN A 248 12.74 -2.68 14.67
N ASP A 249 13.38 -3.84 14.49
CA ASP A 249 14.73 -4.03 14.99
C ASP A 249 15.71 -4.23 13.82
N GLU A 250 15.25 -3.87 12.62
CA GLU A 250 16.07 -3.99 11.41
C GLU A 250 15.78 -2.83 10.48
N ASN A 251 14.65 -2.17 10.69
CA ASN A 251 14.24 -1.03 9.89
C ASN A 251 14.78 0.25 10.54
N GLU A 252 15.85 0.78 9.96
CA GLU A 252 16.50 1.99 10.43
C GLU A 252 15.52 3.10 10.73
N ASN A 253 14.52 3.25 9.86
CA ASN A 253 13.51 4.27 10.01
C ASN A 253 12.85 4.19 11.39
N ALA A 254 12.75 2.97 11.91
CA ALA A 254 12.16 2.74 13.22
C ALA A 254 13.22 2.71 14.31
N MET A 255 14.33 2.03 14.03
CA MET A 255 15.42 1.92 15.01
C MET A 255 15.95 3.28 15.44
N GLN A 256 15.93 4.24 14.52
CA GLN A 256 16.42 5.57 14.81
C GLN A 256 15.65 6.25 15.95
N GLU A 257 14.43 5.79 16.22
CA GLU A 257 13.61 6.38 17.28
C GLU A 257 13.52 5.55 18.57
N ILE A 258 13.75 4.24 18.45
CA ILE A 258 13.65 3.34 19.58
C ILE A 258 14.86 3.37 20.50
N ILE A 259 14.78 4.22 21.52
CA ILE A 259 15.84 4.40 22.50
C ILE A 259 16.06 3.14 23.36
N LEU A 260 14.98 2.44 23.68
CA LEU A 260 15.07 1.21 24.47
C LEU A 260 14.07 0.17 24.00
N PRO A 261 14.52 -0.79 23.19
CA PRO A 261 13.60 -1.81 22.73
C PRO A 261 13.74 -3.08 23.55
N ILE A 262 12.61 -3.75 23.77
CA ILE A 262 12.60 -5.02 24.46
C ILE A 262 12.63 -5.98 23.27
N ARG A 263 13.75 -6.66 23.08
CA ARG A 263 13.88 -7.58 21.95
C ARG A 263 12.85 -8.71 22.04
N GLN A 264 12.22 -9.03 20.92
CA GLN A 264 11.22 -10.09 20.88
C GLN A 264 11.35 -10.81 19.54
N ASP A 265 11.33 -12.13 19.56
CA ASP A 265 11.44 -12.90 18.32
C ASP A 265 10.53 -14.13 18.39
N GLY A 266 9.70 -14.30 17.37
CA GLY A 266 8.77 -15.41 17.33
C GLY A 266 9.30 -16.75 17.80
N VAL A 267 10.28 -17.30 17.09
CA VAL A 267 10.84 -18.60 17.44
C VAL A 267 11.58 -18.65 18.78
N LYS A 268 11.94 -17.49 19.32
CA LYS A 268 12.68 -17.45 20.59
C LYS A 268 11.82 -17.14 21.80
N THR A 269 11.19 -15.97 21.78
CA THR A 269 10.35 -15.54 22.89
C THR A 269 9.10 -16.40 22.91
N ARG A 270 8.62 -16.71 21.71
CA ARG A 270 7.43 -17.52 21.52
C ARG A 270 6.21 -16.97 22.22
N ASN A 271 5.49 -17.83 22.91
CA ASN A 271 4.25 -17.45 23.58
C ASN A 271 4.42 -16.77 24.94
N TYR A 272 5.66 -16.62 25.40
CA TYR A 272 5.90 -16.04 26.71
C TYR A 272 6.41 -14.61 26.72
N GLY A 273 6.21 -13.89 25.62
CA GLY A 273 6.69 -12.51 25.57
C GLY A 273 5.64 -11.45 25.72
N GLY A 274 6.08 -10.20 25.60
CA GLY A 274 5.18 -9.08 25.72
C GLY A 274 4.43 -8.78 24.43
N SER A 275 5.15 -8.74 23.31
CA SER A 275 4.46 -8.43 22.05
C SER A 275 3.44 -9.51 21.69
N THR A 276 3.60 -10.71 22.23
CA THR A 276 2.64 -11.79 21.98
C THR A 276 1.30 -11.31 22.50
N TYR A 277 1.33 -10.79 23.73
CA TYR A 277 0.16 -10.27 24.42
C TYR A 277 -0.45 -9.10 23.62
N LEU A 278 0.41 -8.23 23.10
CA LEU A 278 -0.02 -7.08 22.33
C LEU A 278 -0.62 -7.38 20.95
N VAL A 279 -0.09 -8.37 20.25
CA VAL A 279 -0.59 -8.70 18.93
C VAL A 279 -1.73 -9.71 18.96
N CYS A 280 -1.51 -10.84 19.62
CA CYS A 280 -2.53 -11.87 19.71
C CYS A 280 -3.71 -11.42 20.56
N GLY A 281 -3.41 -10.64 21.60
CA GLY A 281 -4.43 -10.18 22.50
C GLY A 281 -5.44 -9.20 21.93
N THR A 282 -5.03 -8.46 20.90
CA THR A 282 -5.92 -7.47 20.30
C THR A 282 -6.55 -7.94 19.00
N ARG A 283 -6.42 -9.22 18.69
CA ARG A 283 -6.98 -9.76 17.45
C ARG A 283 -7.97 -10.89 17.68
N VAL A 284 -8.81 -11.16 16.68
CA VAL A 284 -9.78 -12.24 16.72
C VAL A 284 -9.92 -12.81 15.30
N ALA A 285 -10.19 -14.11 15.21
CA ALA A 285 -10.34 -14.75 13.90
C ALA A 285 -11.31 -13.96 13.04
N GLY A 286 -10.99 -13.82 11.75
CA GLY A 286 -11.87 -13.09 10.86
C GLY A 286 -11.36 -11.71 10.51
N MET A 287 -10.53 -11.14 11.38
CA MET A 287 -9.96 -9.83 11.13
C MET A 287 -8.93 -9.95 10.02
N PRO A 288 -8.84 -8.96 9.14
CA PRO A 288 -7.86 -9.02 8.06
C PRO A 288 -6.44 -8.78 8.59
N ARG A 289 -5.47 -9.49 8.02
CA ARG A 289 -4.07 -9.34 8.42
C ARG A 289 -3.86 -9.45 9.93
N MET A 290 -4.18 -10.62 10.49
CA MET A 290 -4.03 -10.86 11.91
C MET A 290 -2.57 -10.93 12.30
N GLY A 291 -1.72 -11.38 11.38
CA GLY A 291 -0.30 -11.48 11.67
C GLY A 291 -0.03 -12.63 12.62
N THR A 292 -1.07 -13.38 12.96
CA THR A 292 -0.95 -14.52 13.87
C THR A 292 -2.09 -15.52 13.68
N THR A 293 -1.83 -16.78 14.03
CA THR A 293 -2.82 -17.84 13.89
C THR A 293 -3.74 -17.90 15.09
N ASN A 294 -3.39 -17.18 16.15
CA ASN A 294 -4.19 -17.22 17.36
C ASN A 294 -4.55 -15.87 17.95
N GLY A 295 -5.77 -15.42 17.66
CA GLY A 295 -6.24 -14.17 18.20
C GLY A 295 -7.00 -14.47 19.48
N TRP A 296 -6.57 -13.86 20.58
CA TRP A 296 -7.20 -14.08 21.88
C TRP A 296 -8.47 -13.27 22.10
N SER A 297 -8.68 -12.25 21.26
CA SER A 297 -9.83 -11.37 21.38
C SER A 297 -10.02 -10.95 22.84
N CYS A 298 -9.00 -10.29 23.40
CA CYS A 298 -9.01 -9.86 24.78
C CYS A 298 -9.03 -8.35 24.96
N ILE A 299 -8.26 -7.65 24.13
CA ILE A 299 -8.12 -6.21 24.24
C ILE A 299 -8.73 -5.39 23.12
N PHE A 300 -9.61 -4.48 23.48
CA PHE A 300 -10.23 -3.59 22.51
C PHE A 300 -10.36 -2.21 23.13
N ALA A 301 -10.48 -1.19 22.29
CA ALA A 301 -10.56 0.18 22.77
C ALA A 301 -11.90 0.57 23.40
N ARG A 302 -11.83 1.51 24.35
CA ARG A 302 -13.01 2.03 25.01
C ARG A 302 -13.48 3.18 24.12
N ALA A 303 -14.77 3.51 24.18
CA ALA A 303 -15.28 4.59 23.34
C ALA A 303 -14.43 5.85 23.51
N ALA A 304 -14.02 6.14 24.74
CA ALA A 304 -13.21 7.34 25.00
C ALA A 304 -11.88 7.33 24.24
N MET A 305 -11.32 6.15 24.00
CA MET A 305 -10.07 6.04 23.25
C MET A 305 -10.32 6.48 21.82
N VAL A 306 -11.39 5.97 21.23
CA VAL A 306 -11.73 6.33 19.86
C VAL A 306 -11.91 7.84 19.74
N GLN A 307 -12.41 8.46 20.80
CA GLN A 307 -12.68 9.88 20.82
C GLN A 307 -11.45 10.77 20.78
N LYS A 308 -10.28 10.18 21.05
CA LYS A 308 -9.04 10.94 21.00
C LYS A 308 -8.76 11.32 19.54
N PHE A 309 -9.26 10.51 18.61
CA PHE A 309 -9.05 10.78 17.19
C PHE A 309 -10.30 11.41 16.57
N PHE A 310 -11.47 11.14 17.17
CA PHE A 310 -12.74 11.69 16.69
C PHE A 310 -13.51 12.37 17.81
N SER A 311 -13.28 13.67 18.01
CA SER A 311 -13.96 14.41 19.05
C SER A 311 -15.45 14.09 19.01
N ASN A 312 -16.00 14.01 17.80
CA ASN A 312 -17.41 13.67 17.62
C ASN A 312 -17.44 12.21 17.16
N LEU A 313 -17.84 11.32 18.05
CA LEU A 313 -17.89 9.89 17.73
C LEU A 313 -18.80 9.53 16.54
N GLU A 314 -19.61 10.49 16.09
CA GLU A 314 -20.51 10.21 14.97
C GLU A 314 -19.71 10.25 13.67
N ASP A 315 -18.52 10.85 13.73
CA ASP A 315 -17.66 10.95 12.55
C ASP A 315 -16.81 9.69 12.36
N VAL A 316 -16.93 8.74 13.28
CA VAL A 316 -16.17 7.51 13.18
C VAL A 316 -16.77 6.58 12.13
N PRO A 317 -15.97 6.18 11.13
CA PRO A 317 -16.42 5.29 10.06
C PRO A 317 -17.01 4.01 10.66
N MET A 318 -18.30 3.79 10.41
CA MET A 318 -19.00 2.63 10.94
C MET A 318 -19.95 1.98 9.93
N LEU A 319 -20.18 0.69 10.08
CA LEU A 319 -21.11 -0.01 9.22
C LEU A 319 -22.47 0.35 9.78
N PRO A 320 -23.39 0.79 8.92
CA PRO A 320 -24.73 1.15 9.41
C PRO A 320 -25.41 -0.10 9.95
N ALA A 321 -26.25 0.08 10.97
CA ALA A 321 -26.96 -1.04 11.58
C ALA A 321 -27.89 -1.72 10.58
N ASP A 322 -28.53 -0.93 9.73
CA ASP A 322 -29.47 -1.45 8.74
C ASP A 322 -28.79 -2.26 7.63
N VAL A 323 -27.46 -2.27 7.63
CA VAL A 323 -26.72 -3.02 6.62
C VAL A 323 -26.34 -4.36 7.20
N GLU A 324 -26.83 -5.43 6.59
CA GLU A 324 -26.54 -6.76 7.06
C GLU A 324 -25.16 -7.25 6.68
N ILE A 325 -24.59 -8.08 7.54
CA ILE A 325 -23.27 -8.64 7.33
C ILE A 325 -23.39 -10.03 6.72
N PRO A 326 -23.08 -10.18 5.42
CA PRO A 326 -23.17 -11.48 4.76
C PRO A 326 -22.59 -12.59 5.61
N THR A 327 -23.23 -13.76 5.58
CA THR A 327 -22.76 -14.90 6.36
C THR A 327 -21.89 -15.79 5.48
N LYS A 328 -21.74 -15.38 4.21
CA LYS A 328 -20.93 -16.12 3.25
C LYS A 328 -20.22 -15.16 2.31
N GLY A 329 -18.99 -15.50 1.97
CA GLY A 329 -18.22 -14.66 1.04
C GLY A 329 -17.28 -13.69 1.73
N LEU A 330 -16.93 -13.99 2.97
CA LEU A 330 -16.02 -13.14 3.73
C LEU A 330 -15.09 -14.05 4.53
N ASP A 331 -14.37 -14.91 3.81
CA ASP A 331 -13.46 -15.84 4.46
C ASP A 331 -11.99 -15.48 4.22
N THR A 332 -11.75 -14.59 3.26
CA THR A 332 -10.39 -14.19 2.94
C THR A 332 -10.17 -12.70 3.21
N ASP A 333 -8.92 -12.33 3.41
CA ASP A 333 -8.54 -10.94 3.66
C ASP A 333 -8.98 -10.09 2.48
N GLU A 334 -8.88 -10.66 1.29
CA GLU A 334 -9.26 -10.00 0.06
C GLU A 334 -10.76 -9.68 0.09
N GLN A 335 -11.58 -10.67 0.44
CA GLN A 335 -13.03 -10.46 0.49
C GLN A 335 -13.41 -9.48 1.60
N ILE A 336 -12.76 -9.60 2.75
CA ILE A 336 -13.05 -8.74 3.90
C ILE A 336 -12.72 -7.28 3.59
N ASP A 337 -11.54 -7.02 3.03
CA ASP A 337 -11.11 -5.66 2.70
C ASP A 337 -12.04 -4.96 1.71
N ALA A 338 -12.54 -5.72 0.74
CA ALA A 338 -13.43 -5.19 -0.28
C ALA A 338 -14.76 -4.76 0.33
N PHE A 339 -15.30 -5.61 1.20
CA PHE A 339 -16.57 -5.29 1.83
C PHE A 339 -16.40 -4.03 2.69
N ASP A 340 -15.33 -3.98 3.47
CA ASP A 340 -15.06 -2.82 4.32
C ASP A 340 -14.87 -1.58 3.47
N ALA A 341 -14.09 -1.71 2.39
CA ALA A 341 -13.84 -0.61 1.48
C ALA A 341 -15.15 -0.08 0.93
N GLU A 342 -16.03 -1.00 0.55
CA GLU A 342 -17.35 -0.65 0.03
C GLU A 342 -18.05 0.25 1.03
N HIS A 343 -17.83 0.00 2.32
CA HIS A 343 -18.48 0.79 3.37
C HIS A 343 -17.53 1.70 4.14
N GLY A 344 -16.38 2.00 3.54
CA GLY A 344 -15.41 2.88 4.15
C GLY A 344 -14.97 2.52 5.56
N ILE A 345 -14.89 1.24 5.87
CA ILE A 345 -14.49 0.82 7.20
C ILE A 345 -13.20 0.00 7.29
N ARG A 346 -12.30 0.16 6.31
CA ARG A 346 -11.01 -0.52 6.37
C ARG A 346 -10.22 0.39 7.30
N THR A 347 -9.21 -0.15 7.97
CA THR A 347 -8.42 0.67 8.88
C THR A 347 -7.83 1.88 8.17
N GLU A 348 -7.45 1.72 6.91
CA GLU A 348 -6.88 2.84 6.17
C GLU A 348 -7.93 3.93 5.98
N ASP A 349 -9.21 3.53 5.96
CA ASP A 349 -10.28 4.51 5.82
C ASP A 349 -10.44 5.22 7.17
N MET A 350 -10.22 4.46 8.24
CA MET A 350 -10.30 5.00 9.60
C MET A 350 -9.22 6.07 9.75
N ILE A 351 -8.03 5.78 9.21
CA ILE A 351 -6.93 6.73 9.29
C ILE A 351 -7.23 8.00 8.49
N LYS A 352 -7.84 7.83 7.33
CA LYS A 352 -8.18 8.96 6.49
C LYS A 352 -9.26 9.82 7.15
N ALA A 353 -10.30 9.19 7.67
CA ALA A 353 -11.36 9.92 8.33
C ALA A 353 -10.81 10.71 9.51
N ALA A 354 -9.86 10.10 10.21
CA ALA A 354 -9.26 10.72 11.40
C ALA A 354 -8.22 11.77 11.04
N GLY A 355 -7.62 11.66 9.87
CA GLY A 355 -6.61 12.64 9.49
C GLY A 355 -5.44 12.55 10.45
N ASP A 356 -5.10 11.33 10.84
CA ASP A 356 -4.00 11.08 11.76
C ASP A 356 -3.53 9.65 11.54
N ASP A 357 -2.26 9.47 11.21
CA ASP A 357 -1.71 8.14 10.96
C ASP A 357 -1.79 7.19 12.14
N ARG A 358 -1.99 7.71 13.34
CA ARG A 358 -2.04 6.90 14.55
C ARG A 358 -3.40 6.30 14.85
N ALA A 359 -4.41 6.66 14.08
CA ALA A 359 -5.77 6.15 14.30
C ALA A 359 -5.84 4.71 13.78
N LEU A 360 -4.94 3.87 14.27
CA LEU A 360 -4.88 2.46 13.87
C LEU A 360 -5.95 1.62 14.56
N LEU A 361 -7.21 1.89 14.20
CA LEU A 361 -8.34 1.17 14.77
C LEU A 361 -9.08 0.43 13.66
N TYR A 362 -9.88 -0.56 14.05
CA TYR A 362 -10.63 -1.35 13.08
C TYR A 362 -12.11 -1.50 13.46
N SER A 363 -12.97 -1.00 12.58
CA SER A 363 -14.42 -1.08 12.78
C SER A 363 -15.05 -1.90 11.65
N GLY A 364 -14.19 -2.59 10.89
CA GLY A 364 -14.66 -3.40 9.78
C GLY A 364 -15.47 -4.61 10.21
N VAL A 365 -15.92 -5.40 9.24
CA VAL A 365 -16.72 -6.58 9.56
C VAL A 365 -15.93 -7.80 9.97
N GLY A 366 -14.62 -7.76 9.75
CA GLY A 366 -13.77 -8.89 10.12
C GLY A 366 -13.85 -9.16 11.61
N GLY A 367 -14.47 -10.29 11.96
CA GLY A 367 -14.61 -10.63 13.36
C GLY A 367 -16.00 -10.34 13.89
N GLY A 368 -16.84 -9.73 13.06
CA GLY A 368 -18.19 -9.40 13.50
C GLY A 368 -18.51 -7.92 13.62
N ARG A 369 -19.78 -7.61 13.81
CA ARG A 369 -20.22 -6.23 13.94
C ARG A 369 -19.65 -5.60 15.22
N ARG A 370 -19.02 -4.45 15.08
CA ARG A 370 -18.44 -3.75 16.22
C ARG A 370 -19.33 -2.65 16.75
N LYS A 371 -19.06 -2.24 17.99
CA LYS A 371 -19.76 -1.14 18.63
C LYS A 371 -18.65 -0.17 18.98
N ILE A 372 -18.99 1.10 19.20
CA ILE A 372 -17.99 2.07 19.61
C ILE A 372 -18.08 2.12 21.13
N GLN A 373 -19.30 2.08 21.63
CA GLN A 373 -19.55 2.09 23.05
C GLN A 373 -20.58 1.04 23.37
N THR A 374 -20.51 0.48 24.56
CA THR A 374 -21.46 -0.55 24.96
C THR A 374 -22.04 -0.21 26.32
N ASP A 375 -23.17 -0.80 26.66
CA ASP A 375 -23.77 -0.51 27.96
C ASP A 375 -23.65 -1.77 28.81
N ALA A 376 -22.73 -2.63 28.41
CA ALA A 376 -22.46 -3.87 29.12
C ALA A 376 -21.25 -4.55 28.46
N ILE A 377 -20.19 -4.76 29.24
CA ILE A 377 -18.99 -5.38 28.72
C ILE A 377 -19.26 -6.87 28.56
N SER A 378 -19.77 -7.26 27.40
CA SER A 378 -20.08 -8.66 27.16
C SER A 378 -19.03 -9.35 26.31
N GLY A 379 -18.52 -8.67 25.29
CA GLY A 379 -17.52 -9.30 24.43
C GLY A 379 -16.53 -8.39 23.74
N PHE A 380 -15.57 -9.04 23.07
CA PHE A 380 -14.49 -8.37 22.34
C PHE A 380 -15.00 -7.35 21.32
N THR A 381 -16.13 -7.63 20.70
CA THR A 381 -16.69 -6.73 19.70
C THR A 381 -17.44 -5.54 20.28
N ASP A 382 -17.52 -5.44 21.61
CA ASP A 382 -18.22 -4.31 22.23
C ASP A 382 -17.48 -3.00 22.08
N GLY A 383 -16.36 -3.04 21.36
CA GLY A 383 -15.57 -1.84 21.13
C GLY A 383 -14.78 -2.05 19.85
N LEU A 384 -14.19 -0.99 19.31
CA LEU A 384 -13.41 -1.12 18.09
C LEU A 384 -12.11 -1.84 18.41
N SER A 385 -11.54 -2.51 17.42
CA SER A 385 -10.29 -3.21 17.65
C SER A 385 -9.10 -2.27 17.45
N ILE A 386 -8.02 -2.55 18.17
CA ILE A 386 -6.82 -1.75 18.05
C ILE A 386 -5.79 -2.59 17.30
N VAL A 387 -5.37 -2.09 16.14
CA VAL A 387 -4.41 -2.79 15.29
C VAL A 387 -3.07 -2.08 15.22
N LYS A 388 -2.75 -1.32 16.26
CA LYS A 388 -1.49 -0.58 16.33
C LYS A 388 -0.28 -1.53 16.28
N TRP A 389 -0.37 -2.65 17.00
CA TRP A 389 0.73 -3.61 17.01
C TRP A 389 0.53 -4.66 15.93
N GLN A 390 1.56 -4.87 15.11
CA GLN A 390 1.46 -5.84 14.03
C GLN A 390 2.65 -6.75 13.87
N ASN A 391 2.38 -7.99 13.46
CA ASN A 391 3.44 -8.96 13.23
C ASN A 391 3.69 -9.09 11.71
N TYR A 392 3.89 -7.96 11.05
CA TYR A 392 4.20 -7.90 9.62
C TYR A 392 5.39 -6.96 9.48
N ARG A 393 6.33 -7.30 8.60
CA ARG A 393 7.51 -6.47 8.39
C ARG A 393 7.19 -5.41 7.35
N SER A 394 7.74 -4.21 7.55
CA SER A 394 7.49 -3.12 6.61
C SER A 394 8.12 -3.44 5.26
N ASP A 395 9.18 -4.25 5.27
CA ASP A 395 9.84 -4.60 4.02
C ASP A 395 9.18 -5.77 3.31
N GLY A 396 8.07 -6.24 3.87
CA GLY A 396 7.32 -7.34 3.28
C GLY A 396 7.93 -8.72 3.37
N LYS A 397 9.09 -8.85 4.00
CA LYS A 397 9.72 -10.15 4.11
C LYS A 397 9.05 -11.03 5.17
N PRO A 398 9.29 -12.35 5.12
CA PRO A 398 8.68 -13.28 6.08
C PRO A 398 9.09 -13.08 7.54
N VAL A 399 8.15 -13.31 8.45
CA VAL A 399 8.44 -13.21 9.88
C VAL A 399 8.88 -14.61 10.29
N SER A 400 9.51 -14.74 11.45
CA SER A 400 10.01 -16.04 11.90
C SER A 400 8.99 -17.09 12.31
N HIS A 401 7.80 -16.66 12.73
CA HIS A 401 6.83 -17.62 13.19
C HIS A 401 5.42 -17.26 12.79
N ALA A 402 4.56 -18.27 12.68
CA ALA A 402 3.18 -18.07 12.27
C ALA A 402 2.23 -17.67 13.39
N THR A 403 2.65 -17.88 14.64
CA THR A 403 1.81 -17.56 15.79
C THR A 403 2.37 -16.48 16.70
N TYR A 404 3.64 -16.63 17.07
CA TYR A 404 4.33 -15.70 17.96
C TYR A 404 5.02 -14.65 17.11
N PRO A 405 4.82 -13.37 17.43
CA PRO A 405 5.38 -12.22 16.72
C PRO A 405 6.86 -11.91 16.97
N ASP A 406 7.47 -11.26 15.97
CA ASP A 406 8.87 -10.85 16.03
C ASP A 406 8.95 -9.42 16.52
N THR A 407 7.83 -8.72 16.47
CA THR A 407 7.79 -7.32 16.86
C THR A 407 8.35 -6.99 18.24
N ASP A 408 9.36 -6.13 18.26
CA ASP A 408 9.96 -5.71 19.51
C ASP A 408 9.05 -4.65 20.13
N ILE A 409 9.13 -4.52 21.45
CA ILE A 409 8.34 -3.50 22.12
C ILE A 409 9.27 -2.29 22.30
N PRO A 410 8.97 -1.18 21.62
CA PRO A 410 9.81 0.01 21.77
C PRO A 410 9.46 0.75 23.07
N LEU A 411 9.83 0.15 24.19
CA LEU A 411 9.54 0.71 25.50
C LEU A 411 9.84 2.21 25.60
N PHE A 412 11.01 2.61 25.13
CA PHE A 412 11.40 4.01 25.13
C PHE A 412 11.49 4.52 23.69
N ARG A 413 10.76 5.59 23.38
CA ARG A 413 10.76 6.18 22.05
C ARG A 413 11.08 7.67 22.12
N LEU A 414 11.78 8.19 21.12
CA LEU A 414 12.13 9.60 21.09
C LEU A 414 10.93 10.50 21.29
N ALA A 415 9.78 10.07 20.78
CA ALA A 415 8.55 10.86 20.89
C ALA A 415 8.20 11.23 22.33
N GLU A 416 8.67 10.43 23.29
CA GLU A 416 8.38 10.74 24.69
C GLU A 416 9.07 12.04 25.05
N ALA A 417 10.28 12.24 24.56
CA ALA A 417 11.03 13.45 24.83
C ALA A 417 10.24 14.68 24.37
N TYR A 418 9.67 14.61 23.16
CA TYR A 418 8.89 15.72 22.61
C TYR A 418 7.63 16.06 23.41
N LEU A 419 6.84 15.05 23.76
CA LEU A 419 5.63 15.29 24.53
C LEU A 419 5.98 15.74 25.95
N THR A 420 7.06 15.18 26.50
CA THR A 420 7.50 15.53 27.84
C THR A 420 7.93 16.99 27.91
N ARG A 421 8.74 17.42 26.95
CA ARG A 421 9.20 18.82 26.95
C ARG A 421 8.02 19.72 26.67
N ALA A 422 7.12 19.26 25.80
CA ALA A 422 5.93 20.05 25.47
C ALA A 422 5.13 20.34 26.75
N GLU A 423 4.86 19.30 27.53
CA GLU A 423 4.11 19.47 28.76
C GLU A 423 4.90 20.34 29.74
N ALA A 424 6.20 20.05 29.88
CA ALA A 424 7.05 20.81 30.79
C ALA A 424 7.03 22.30 30.44
N ILE A 425 7.16 22.59 29.14
CA ILE A 425 7.15 23.96 28.67
C ILE A 425 5.78 24.59 28.96
N PHE A 426 4.72 23.86 28.64
CA PHE A 426 3.38 24.35 28.88
C PHE A 426 3.18 24.67 30.36
N ARG A 427 3.55 23.71 31.22
CA ARG A 427 3.41 23.85 32.68
C ARG A 427 4.12 25.09 33.23
N GLN A 428 5.19 25.51 32.56
CA GLN A 428 5.95 26.66 33.00
C GLN A 428 5.40 27.95 32.43
N GLY A 429 4.47 27.82 31.48
CA GLY A 429 3.85 28.99 30.89
C GLY A 429 4.41 29.37 29.53
N GLY A 430 5.14 28.46 28.90
CA GLY A 430 5.71 28.74 27.59
C GLY A 430 4.93 28.21 26.41
N ASP A 431 5.46 28.43 25.21
CA ASP A 431 4.80 27.98 23.98
C ASP A 431 5.21 26.54 23.61
N ALA A 432 4.30 25.60 23.85
CA ALA A 432 4.55 24.21 23.58
C ALA A 432 4.07 23.73 22.22
N THR A 433 3.49 24.62 21.43
CA THR A 433 2.97 24.24 20.10
C THR A 433 3.98 23.52 19.22
N GLY A 434 5.23 23.99 19.21
CA GLY A 434 6.25 23.37 18.39
C GLY A 434 6.48 21.88 18.63
N ASP A 435 6.64 21.48 19.90
CA ASP A 435 6.87 20.08 20.21
C ASP A 435 5.67 19.20 19.92
N ILE A 436 4.46 19.73 20.12
CA ILE A 436 3.25 18.97 19.84
C ILE A 436 3.07 18.78 18.33
N ASN A 437 3.24 19.85 17.56
CA ASN A 437 3.08 19.76 16.12
C ASN A 437 4.19 18.92 15.49
N GLU A 438 5.27 18.68 16.23
CA GLU A 438 6.36 17.89 15.70
C GLU A 438 5.93 16.43 15.59
N LEU A 439 5.08 16.00 16.53
CA LEU A 439 4.58 14.63 16.54
C LEU A 439 3.35 14.51 15.62
N ARG A 440 2.54 15.56 15.57
CA ARG A 440 1.35 15.55 14.74
C ARG A 440 1.78 15.64 13.28
N LYS A 441 2.87 16.34 13.02
CA LYS A 441 3.38 16.47 11.66
C LYS A 441 3.94 15.11 11.23
N ARG A 442 4.65 14.45 12.13
CA ARG A 442 5.20 13.13 11.80
C ARG A 442 4.06 12.17 11.48
N ALA A 443 2.93 12.35 12.15
CA ALA A 443 1.77 11.51 11.95
C ALA A 443 0.89 12.01 10.82
N ASN A 444 1.38 12.98 10.05
CA ASN A 444 0.63 13.53 8.94
C ASN A 444 -0.76 14.03 9.32
N CYS A 445 -0.89 14.59 10.53
CA CYS A 445 -2.17 15.09 11.01
C CYS A 445 -2.64 16.27 10.15
N THR A 446 -3.92 16.28 9.84
CA THR A 446 -4.50 17.35 9.04
C THR A 446 -4.77 18.55 9.94
N ARG A 447 -4.90 18.30 11.24
CA ARG A 447 -5.16 19.36 12.19
C ARG A 447 -3.93 19.69 13.01
N LYS A 448 -3.47 20.93 12.95
CA LYS A 448 -2.32 21.34 13.74
C LYS A 448 -2.81 22.07 14.98
N VAL A 449 -2.09 21.90 16.09
CA VAL A 449 -2.45 22.57 17.32
C VAL A 449 -2.01 24.02 17.25
N GLN A 450 -2.95 24.94 17.43
CA GLN A 450 -2.64 26.37 17.39
C GLN A 450 -2.21 26.82 18.78
N THR A 451 -2.94 26.33 19.79
CA THR A 451 -2.63 26.66 21.17
C THR A 451 -2.71 25.39 22.01
N VAL A 452 -1.82 25.27 22.98
CA VAL A 452 -1.79 24.09 23.82
C VAL A 452 -2.60 24.30 25.08
N THR A 453 -3.31 23.25 25.49
CA THR A 453 -4.13 23.31 26.69
C THR A 453 -3.93 21.99 27.42
N GLU A 454 -4.35 21.93 28.67
CA GLU A 454 -4.18 20.70 29.43
C GLU A 454 -4.85 19.54 28.71
N GLN A 455 -6.07 19.77 28.22
CA GLN A 455 -6.81 18.72 27.53
C GLN A 455 -6.07 18.27 26.27
N GLU A 456 -5.57 19.23 25.49
CA GLU A 456 -4.85 18.91 24.25
C GLU A 456 -3.65 18.01 24.53
N LEU A 457 -2.92 18.31 25.60
CA LEU A 457 -1.75 17.54 26.00
C LEU A 457 -2.08 16.11 26.38
N ILE A 458 -2.99 15.95 27.34
CA ILE A 458 -3.37 14.63 27.80
C ILE A 458 -4.00 13.80 26.69
N ASP A 459 -4.65 14.46 25.74
CA ASP A 459 -5.27 13.76 24.62
C ASP A 459 -4.18 13.29 23.67
N GLU A 460 -3.15 14.13 23.53
CA GLU A 460 -2.03 13.83 22.67
C GLU A 460 -1.22 12.66 23.24
N TRP A 461 -1.10 12.58 24.56
CA TRP A 461 -0.38 11.48 25.18
C TRP A 461 -1.08 10.16 24.83
N ALA A 462 -2.41 10.21 24.79
CA ALA A 462 -3.18 9.04 24.44
C ALA A 462 -2.91 8.66 22.99
N ARG A 463 -3.05 9.64 22.09
CA ARG A 463 -2.84 9.43 20.65
C ARG A 463 -1.46 8.90 20.29
N GLU A 464 -0.43 9.46 20.92
CA GLU A 464 0.93 9.04 20.64
C GLU A 464 1.33 7.72 21.28
N PHE A 465 0.95 7.50 22.53
CA PHE A 465 1.35 6.28 23.24
C PHE A 465 0.29 5.29 23.70
N TYR A 466 -0.93 5.42 23.20
CA TYR A 466 -1.96 4.47 23.65
C TYR A 466 -1.49 3.04 23.45
N LEU A 467 -1.82 2.20 24.42
CA LEU A 467 -1.46 0.78 24.40
C LEU A 467 0.05 0.55 24.48
N GLU A 468 0.75 1.45 25.16
CA GLU A 468 2.18 1.29 25.35
C GLU A 468 2.52 1.18 26.83
N GLY A 469 1.49 0.92 27.63
CA GLY A 469 1.64 0.72 29.07
C GLY A 469 1.99 1.89 29.97
N ARG A 470 1.57 3.10 29.62
CA ARG A 470 1.89 4.25 30.46
C ARG A 470 0.71 5.16 30.80
N ARG A 471 -0.43 4.96 30.13
CA ARG A 471 -1.61 5.80 30.33
C ARG A 471 -1.92 6.22 31.78
N ARG A 472 -2.07 5.25 32.68
CA ARG A 472 -2.39 5.54 34.07
C ARG A 472 -1.51 6.61 34.69
N SER A 473 -0.19 6.44 34.56
CA SER A 473 0.76 7.39 35.11
C SER A 473 0.49 8.81 34.61
N ASP A 474 0.19 8.93 33.31
CA ASP A 474 -0.06 10.26 32.77
C ASP A 474 -1.37 10.82 33.31
N LEU A 475 -2.40 9.98 33.44
CA LEU A 475 -3.67 10.43 33.96
C LEU A 475 -3.54 10.91 35.41
N VAL A 476 -2.74 10.22 36.21
CA VAL A 476 -2.54 10.62 37.60
C VAL A 476 -1.92 12.01 37.68
N ARG A 477 -0.86 12.23 36.91
CA ARG A 477 -0.17 13.51 36.90
C ARG A 477 -1.10 14.65 36.53
N PHE A 478 -1.99 14.40 35.58
CA PHE A 478 -2.96 15.41 35.15
C PHE A 478 -4.17 15.46 36.08
N GLY A 479 -4.11 14.69 37.16
CA GLY A 479 -5.20 14.65 38.12
C GLY A 479 -6.53 14.24 37.49
N MET A 480 -6.49 13.25 36.61
CA MET A 480 -7.70 12.78 35.93
C MET A 480 -7.95 11.30 36.08
N PHE A 481 -7.06 10.58 36.75
CA PHE A 481 -7.23 9.14 36.92
C PHE A 481 -8.41 8.70 37.77
N THR A 482 -8.57 9.30 38.95
CA THR A 482 -9.66 8.94 39.86
C THR A 482 -10.78 9.95 39.97
N THR A 483 -10.46 11.21 39.65
CA THR A 483 -11.39 12.32 39.77
C THR A 483 -12.46 12.51 38.69
N ASN A 484 -13.25 13.57 38.90
CA ASN A 484 -14.32 13.95 37.98
C ASN A 484 -13.77 14.87 36.92
N LYS A 485 -12.48 15.15 36.98
CA LYS A 485 -11.88 16.04 36.00
C LYS A 485 -12.02 15.42 34.61
N TYR A 486 -12.11 14.09 34.58
CA TYR A 486 -12.22 13.37 33.32
C TYR A 486 -12.96 12.05 33.52
N LEU A 487 -14.11 11.92 32.87
CA LEU A 487 -14.88 10.69 32.99
C LEU A 487 -14.93 10.01 31.64
N TRP A 488 -14.66 8.70 31.62
CA TRP A 488 -14.67 7.93 30.38
C TRP A 488 -15.59 6.73 30.57
N ASP A 489 -15.99 6.09 29.47
CA ASP A 489 -16.88 4.95 29.60
C ASP A 489 -16.32 3.81 30.46
N TRP A 490 -17.16 3.34 31.37
CA TRP A 490 -16.86 2.26 32.29
C TRP A 490 -15.90 2.63 33.42
N LYS A 491 -15.58 3.91 33.54
CA LYS A 491 -14.70 4.34 34.62
C LYS A 491 -15.50 4.23 35.92
N GLY A 492 -14.85 3.78 36.98
CA GLY A 492 -15.52 3.65 38.26
C GLY A 492 -16.63 2.61 38.29
N GLY A 493 -16.70 1.78 37.26
CA GLY A 493 -17.72 0.76 37.22
C GLY A 493 -19.03 1.21 36.61
N ALA A 494 -19.14 2.51 36.34
CA ALA A 494 -20.36 3.08 35.76
C ALA A 494 -20.24 3.13 34.23
N MET A 495 -21.30 2.75 33.54
CA MET A 495 -21.29 2.73 32.09
C MET A 495 -20.78 4.03 31.47
N ASN A 496 -21.30 5.16 31.95
CA ASN A 496 -20.90 6.46 31.42
C ASN A 496 -19.69 7.04 32.16
N GLY A 497 -19.25 6.35 33.20
CA GLY A 497 -18.10 6.80 33.94
C GLY A 497 -18.41 7.60 35.20
N THR A 498 -17.81 7.18 36.31
CA THR A 498 -17.99 7.85 37.58
C THR A 498 -16.66 7.86 38.33
N SER A 499 -16.47 8.84 39.21
CA SER A 499 -15.22 8.97 39.97
C SER A 499 -15.07 7.91 41.06
N VAL A 500 -13.88 7.88 41.66
CA VAL A 500 -13.59 6.94 42.73
C VAL A 500 -12.72 7.59 43.80
N ALA A 501 -12.51 6.90 44.92
CA ALA A 501 -11.71 7.43 46.01
C ALA A 501 -10.31 7.79 45.54
N SER A 502 -9.86 9.00 45.87
CA SER A 502 -8.54 9.45 45.45
C SER A 502 -7.41 8.51 45.85
N TYR A 503 -7.58 7.72 46.91
CA TYR A 503 -6.51 6.83 47.32
C TYR A 503 -6.24 5.73 46.31
N TYR A 504 -6.99 5.75 45.21
CA TYR A 504 -6.82 4.76 44.17
C TYR A 504 -5.76 5.17 43.16
N ASN A 505 -5.15 6.34 43.38
CA ASN A 505 -4.07 6.82 42.52
C ASN A 505 -2.78 6.02 42.77
N LYS A 506 -2.83 5.15 43.76
CA LYS A 506 -1.70 4.27 44.11
C LYS A 506 -2.27 2.89 44.35
N TYR A 507 -1.66 1.87 43.75
CA TYR A 507 -2.14 0.51 43.97
C TYR A 507 -1.81 0.16 45.42
N PRO A 508 -2.53 -0.83 45.99
CA PRO A 508 -2.24 -1.19 47.37
C PRO A 508 -1.02 -2.10 47.44
N ILE A 509 -0.47 -2.27 48.63
CA ILE A 509 0.64 -3.17 48.81
C ILE A 509 -0.05 -4.52 48.91
N PRO A 510 0.38 -5.50 48.11
CA PRO A 510 -0.24 -6.83 48.18
C PRO A 510 -0.34 -7.28 49.62
N VAL A 511 -1.53 -7.68 50.05
CA VAL A 511 -1.74 -8.12 51.41
C VAL A 511 -0.80 -9.27 51.79
N SER A 512 -0.34 -10.02 50.79
CA SER A 512 0.56 -11.14 51.05
C SER A 512 1.90 -10.62 51.55
N ASP A 513 2.39 -9.55 50.94
CA ASP A 513 3.68 -8.99 51.36
C ASP A 513 3.55 -8.21 52.66
N ILE A 514 2.34 -7.72 52.95
CA ILE A 514 2.10 -6.99 54.18
C ILE A 514 2.23 -7.98 55.33
N ASN A 515 1.80 -9.21 55.08
CA ASN A 515 1.87 -10.26 56.10
C ASN A 515 3.24 -10.90 56.19
N ASN A 516 4.07 -10.71 55.15
CA ASN A 516 5.39 -11.31 55.14
C ASN A 516 6.50 -10.32 55.52
N ASN A 517 6.30 -9.05 55.21
CA ASN A 517 7.32 -8.05 55.51
C ASN A 517 6.79 -7.01 56.48
N ARG A 518 7.05 -7.19 57.77
CA ARG A 518 6.60 -6.25 58.78
C ARG A 518 7.16 -4.86 58.55
N ASN A 519 8.09 -4.74 57.61
CA ASN A 519 8.70 -3.45 57.30
C ASN A 519 7.82 -2.62 56.35
N MET A 520 6.92 -3.29 55.65
CA MET A 520 6.03 -2.60 54.71
C MET A 520 4.76 -2.11 55.39
N SER A 521 4.29 -0.94 54.99
CA SER A 521 3.06 -0.39 55.53
C SER A 521 2.11 -0.16 54.36
N GLN A 522 0.85 -0.53 54.56
CA GLN A 522 -0.18 -0.38 53.55
C GLN A 522 -0.38 1.08 53.15
N ASN A 523 -0.69 1.33 51.88
CA ASN A 523 -0.92 2.70 51.43
C ASN A 523 -2.24 3.23 51.99
N GLU A 524 -2.36 4.55 52.10
CA GLU A 524 -3.57 5.15 52.64
C GLU A 524 -4.83 4.83 51.85
N GLY A 525 -5.93 4.59 52.57
CA GLY A 525 -7.18 4.30 51.90
C GLY A 525 -7.63 2.86 51.99
N TYR A 526 -6.70 1.94 51.73
CA TYR A 526 -7.03 0.53 51.76
C TYR A 526 -7.22 -0.03 53.16
N LYS A 527 -8.02 -1.09 53.25
CA LYS A 527 -8.32 -1.74 54.52
C LYS A 527 -7.96 -3.22 54.45
N SER B 17 -39.61 0.38 -37.34
CA SER B 17 -38.33 -0.38 -37.48
C SER B 17 -37.15 0.60 -37.42
N PHE B 18 -35.98 0.08 -37.08
CA PHE B 18 -34.76 0.90 -36.95
C PHE B 18 -34.74 1.70 -35.66
N ASP B 19 -33.99 1.20 -34.67
CA ASP B 19 -33.87 1.86 -33.39
C ASP B 19 -32.65 2.77 -33.46
N GLN B 20 -32.88 4.09 -33.55
CA GLN B 20 -31.79 5.03 -33.64
C GLN B 20 -30.84 4.95 -32.44
N GLN B 21 -31.41 4.93 -31.24
CA GLN B 21 -30.61 4.87 -30.03
C GLN B 21 -29.87 3.54 -29.94
N GLY B 22 -30.59 2.46 -30.26
CA GLY B 22 -29.99 1.15 -30.21
C GLY B 22 -28.80 0.99 -31.13
N VAL B 23 -28.94 1.48 -32.37
CA VAL B 23 -27.85 1.38 -33.33
C VAL B 23 -26.69 2.26 -32.88
N PHE B 24 -27.00 3.45 -32.37
CA PHE B 24 -25.98 4.35 -31.89
C PHE B 24 -25.15 3.64 -30.82
N VAL B 25 -25.85 2.98 -29.90
CA VAL B 25 -25.20 2.25 -28.81
C VAL B 25 -24.30 1.13 -29.35
N LYS B 26 -24.74 0.47 -30.41
CA LYS B 26 -23.93 -0.61 -30.98
C LYS B 26 -22.71 -0.01 -31.68
N GLY B 27 -22.86 1.22 -32.17
CA GLY B 27 -21.75 1.88 -32.83
C GLY B 27 -20.55 1.85 -31.90
N TYR B 28 -20.76 2.29 -30.66
CA TYR B 28 -19.68 2.32 -29.69
C TYR B 28 -19.42 0.91 -29.13
N ALA B 29 -20.46 0.12 -28.95
CA ALA B 29 -20.30 -1.23 -28.40
C ALA B 29 -19.33 -2.08 -29.23
N MET B 30 -19.29 -1.86 -30.55
CA MET B 30 -18.41 -2.63 -31.41
C MET B 30 -16.93 -2.47 -31.08
N LEU B 31 -16.58 -1.41 -30.37
CA LEU B 31 -15.19 -1.17 -30.01
C LEU B 31 -14.73 -2.16 -28.95
N GLY B 32 -15.62 -2.56 -28.05
CA GLY B 32 -15.22 -3.46 -26.98
C GLY B 32 -15.89 -4.81 -26.81
N VAL B 33 -16.81 -5.17 -27.69
CA VAL B 33 -17.45 -6.46 -27.54
C VAL B 33 -17.83 -7.07 -28.88
N THR B 34 -17.94 -8.39 -28.91
CA THR B 34 -18.31 -9.10 -30.13
C THR B 34 -19.74 -9.60 -29.94
N GLY B 35 -20.59 -9.35 -30.93
CA GLY B 35 -21.97 -9.80 -30.86
C GLY B 35 -22.13 -11.31 -30.72
N ASP B 46 -15.56 -19.95 -39.70
CA ASP B 46 -14.85 -21.16 -39.30
C ASP B 46 -13.47 -20.81 -38.75
N GLY B 47 -13.07 -21.50 -37.68
CA GLY B 47 -11.77 -21.23 -37.07
C GLY B 47 -11.88 -20.09 -36.07
N GLN B 48 -12.91 -19.27 -36.25
CA GLN B 48 -13.19 -18.11 -35.41
C GLN B 48 -13.61 -18.54 -33.99
N ASP B 49 -12.65 -18.61 -33.06
CA ASP B 49 -12.93 -19.00 -31.68
C ASP B 49 -13.86 -17.97 -31.02
N GLU B 50 -13.89 -17.98 -29.69
CA GLU B 50 -14.75 -17.08 -28.94
C GLU B 50 -14.69 -15.60 -29.34
N GLY B 51 -14.10 -14.77 -28.48
CA GLY B 51 -14.03 -13.35 -28.78
C GLY B 51 -12.83 -12.87 -29.59
N GLU B 52 -12.27 -13.72 -30.43
CA GLU B 52 -11.11 -13.31 -31.23
C GLU B 52 -11.42 -12.57 -32.53
N SER B 53 -12.66 -12.12 -32.70
CA SER B 53 -13.01 -11.39 -33.91
C SER B 53 -13.21 -9.94 -33.50
N GLY B 54 -13.12 -9.69 -32.20
CA GLY B 54 -13.30 -8.36 -31.67
C GLY B 54 -12.41 -7.29 -32.27
N PHE B 55 -12.94 -6.09 -32.32
CA PHE B 55 -12.20 -4.94 -32.86
C PHE B 55 -10.89 -4.75 -32.11
N TYR B 56 -10.95 -4.82 -30.78
CA TYR B 56 -9.75 -4.59 -29.99
C TYR B 56 -8.70 -5.68 -30.09
N ARG B 57 -9.10 -6.93 -29.93
CA ARG B 57 -8.14 -8.02 -29.99
C ARG B 57 -7.45 -8.13 -31.36
N THR B 58 -8.21 -8.01 -32.44
CA THR B 58 -7.61 -8.11 -33.77
C THR B 58 -6.61 -7.01 -34.10
N THR B 59 -6.97 -5.76 -33.83
CA THR B 59 -6.07 -4.64 -34.11
C THR B 59 -4.87 -4.68 -33.17
N PHE B 60 -5.10 -5.09 -31.92
CA PHE B 60 -4.06 -5.19 -30.90
C PHE B 60 -2.97 -6.14 -31.32
N ASN B 61 -3.35 -7.36 -31.69
CA ASN B 61 -2.36 -8.36 -32.09
C ASN B 61 -1.55 -7.95 -33.32
N CYS B 62 -2.19 -7.27 -34.26
CA CYS B 62 -1.49 -6.84 -35.46
C CYS B 62 -0.48 -5.74 -35.13
N ASN B 63 -0.71 -5.04 -34.02
CA ASN B 63 0.19 -3.97 -33.62
C ASN B 63 1.09 -4.35 -32.45
N GLU B 64 0.92 -5.56 -31.93
CA GLU B 64 1.70 -6.01 -30.77
C GLU B 64 2.52 -7.31 -30.93
N LEU B 65 1.87 -8.40 -31.30
CA LEU B 65 2.56 -9.70 -31.44
C LEU B 65 3.88 -9.73 -32.22
N PRO B 66 4.01 -8.94 -33.30
CA PRO B 66 5.26 -8.95 -34.05
C PRO B 66 6.29 -7.93 -33.59
N THR B 67 5.96 -7.18 -32.53
CA THR B 67 6.84 -6.13 -32.03
C THR B 67 7.80 -6.56 -30.92
N ASP B 68 8.49 -5.57 -30.36
CA ASP B 68 9.44 -5.81 -29.29
C ASP B 68 8.79 -5.81 -27.92
N GLU B 69 7.50 -5.52 -27.86
CA GLU B 69 6.82 -5.43 -26.57
C GLU B 69 6.41 -6.76 -25.93
N CYS B 70 5.83 -7.65 -26.72
CA CYS B 70 5.38 -8.92 -26.17
C CYS B 70 5.53 -10.10 -27.11
N LEU B 71 5.30 -11.28 -26.54
CA LEU B 71 5.42 -12.53 -27.26
C LEU B 71 4.25 -13.43 -26.84
N TRP B 72 3.65 -14.13 -27.80
CA TRP B 72 2.54 -15.02 -27.52
C TRP B 72 3.13 -16.39 -27.16
N ALA B 73 2.79 -16.89 -25.98
CA ALA B 73 3.31 -18.16 -25.48
C ALA B 73 2.95 -19.42 -26.25
N TRP B 74 1.69 -19.55 -26.67
CA TRP B 74 1.28 -20.74 -27.39
C TRP B 74 1.52 -20.63 -28.90
N GLN B 75 2.76 -20.85 -29.30
CA GLN B 75 3.16 -20.76 -30.69
C GLN B 75 2.47 -21.75 -31.64
N LYS B 76 1.60 -22.59 -31.09
CA LYS B 76 0.88 -23.56 -31.92
C LYS B 76 -0.48 -23.02 -32.37
N ASN B 77 -0.96 -21.97 -31.71
CA ASN B 77 -2.24 -21.38 -32.07
C ASN B 77 -2.10 -20.92 -33.52
N GLN B 78 -3.20 -20.94 -34.27
CA GLN B 78 -3.14 -20.55 -35.68
C GLN B 78 -2.62 -19.15 -35.98
N ASP B 79 -1.76 -19.07 -36.98
CA ASP B 79 -1.18 -17.82 -37.45
C ASP B 79 -0.28 -17.11 -36.43
N ILE B 80 -0.06 -17.72 -35.28
CA ILE B 80 0.78 -17.10 -34.27
C ILE B 80 2.23 -16.95 -34.72
N PRO B 81 2.84 -18.04 -35.22
CA PRO B 81 4.23 -17.96 -35.67
C PRO B 81 4.42 -16.89 -36.73
N GLN B 82 3.44 -16.78 -37.64
CA GLN B 82 3.51 -15.79 -38.70
C GLN B 82 3.50 -14.38 -38.11
N LEU B 83 2.55 -14.13 -37.22
CA LEU B 83 2.45 -12.82 -36.59
C LEU B 83 3.64 -12.53 -35.69
N THR B 84 4.17 -13.55 -35.04
CA THR B 84 5.31 -13.39 -34.15
C THR B 84 6.60 -12.99 -34.86
N SER B 85 6.88 -13.65 -35.98
CA SER B 85 8.09 -13.39 -36.75
C SER B 85 7.96 -12.50 -37.98
N ILE B 86 6.83 -11.82 -38.12
CA ILE B 86 6.61 -10.92 -39.27
C ILE B 86 6.82 -11.70 -40.57
N SER B 87 6.19 -12.87 -40.66
CA SER B 87 6.33 -13.70 -41.85
C SER B 87 4.99 -14.21 -42.36
N TRP B 88 3.95 -13.38 -42.25
CA TRP B 88 2.62 -13.75 -42.69
C TRP B 88 2.47 -13.61 -44.20
N SER B 89 1.36 -14.13 -44.73
CA SER B 89 1.07 -14.08 -46.16
C SER B 89 -0.40 -13.72 -46.36
N PRO B 90 -0.78 -13.42 -47.62
CA PRO B 90 -2.18 -13.07 -47.90
C PRO B 90 -3.24 -14.00 -47.33
N SER B 91 -2.87 -15.24 -47.00
CA SER B 91 -3.85 -16.16 -46.44
C SER B 91 -3.84 -16.14 -44.91
N SER B 92 -3.16 -15.15 -44.34
CA SER B 92 -3.09 -14.99 -42.89
C SER B 92 -4.49 -14.84 -42.29
N GLN B 93 -4.84 -15.71 -41.34
CA GLN B 93 -6.16 -15.64 -40.71
C GLN B 93 -6.28 -14.42 -39.80
N ARG B 94 -5.21 -14.12 -39.06
CA ARG B 94 -5.23 -12.96 -38.16
C ARG B 94 -5.44 -11.69 -38.96
N THR B 95 -4.91 -11.68 -40.19
CA THR B 95 -5.06 -10.50 -41.04
C THR B 95 -6.50 -10.39 -41.56
N GLU B 96 -7.08 -11.51 -41.97
CA GLU B 96 -8.45 -11.50 -42.47
C GLU B 96 -9.37 -11.04 -41.35
N TRP B 97 -9.10 -11.53 -40.14
CA TRP B 97 -9.93 -11.18 -38.99
C TRP B 97 -10.02 -9.69 -38.72
N VAL B 98 -8.88 -8.99 -38.70
CA VAL B 98 -8.89 -7.55 -38.45
C VAL B 98 -9.51 -6.81 -39.63
N TYR B 99 -9.21 -7.27 -40.84
CA TYR B 99 -9.72 -6.66 -42.06
C TYR B 99 -11.24 -6.75 -42.11
N VAL B 100 -11.76 -7.92 -41.80
CA VAL B 100 -13.20 -8.16 -41.79
C VAL B 100 -13.90 -7.35 -40.69
N ARG B 101 -13.33 -7.37 -39.48
CA ARG B 101 -13.92 -6.63 -38.36
C ARG B 101 -14.06 -5.14 -38.68
N LEU B 102 -12.95 -4.53 -39.09
CA LEU B 102 -12.95 -3.12 -39.44
C LEU B 102 -13.99 -2.79 -40.51
N GLY B 103 -13.98 -3.55 -41.60
CA GLY B 103 -14.94 -3.31 -42.66
C GLY B 103 -16.37 -3.46 -42.18
N TYR B 104 -16.61 -4.47 -41.35
CA TYR B 104 -17.95 -4.69 -40.83
C TYR B 104 -18.44 -3.48 -40.02
N ASP B 105 -17.67 -3.09 -39.01
CA ASP B 105 -18.05 -1.96 -38.17
C ASP B 105 -18.44 -0.75 -39.01
N ILE B 106 -17.66 -0.47 -40.05
CA ILE B 106 -17.94 0.67 -40.90
C ILE B 106 -19.29 0.56 -41.63
N THR B 107 -19.71 -0.64 -42.00
CA THR B 107 -21.00 -0.79 -42.67
C THR B 107 -22.10 -0.39 -41.69
N GLN B 108 -21.90 -0.71 -40.40
CA GLN B 108 -22.86 -0.36 -39.37
C GLN B 108 -22.90 1.15 -39.20
N TYR B 109 -21.74 1.79 -39.28
CA TYR B 109 -21.67 3.24 -39.14
C TYR B 109 -22.36 3.91 -40.32
N ASN B 110 -22.17 3.34 -41.51
CA ASN B 110 -22.79 3.87 -42.72
C ASN B 110 -24.30 3.72 -42.62
N PHE B 111 -24.74 2.58 -42.10
CA PHE B 111 -26.17 2.34 -41.96
C PHE B 111 -26.79 3.46 -41.10
N PHE B 112 -26.21 3.70 -39.93
CA PHE B 112 -26.71 4.74 -39.03
C PHE B 112 -26.74 6.12 -39.68
N LEU B 113 -25.67 6.46 -40.39
CA LEU B 113 -25.61 7.77 -41.04
C LEU B 113 -26.65 7.86 -42.15
N ASP B 114 -26.82 6.79 -42.92
CA ASP B 114 -27.80 6.81 -43.99
C ASP B 114 -29.20 6.91 -43.41
N GLN B 115 -29.46 6.18 -42.34
CA GLN B 115 -30.77 6.18 -41.73
C GLN B 115 -31.16 7.46 -41.01
N THR B 116 -30.18 8.29 -40.67
CA THR B 116 -30.48 9.52 -39.96
C THR B 116 -30.19 10.79 -40.74
N GLU B 117 -29.80 10.67 -42.00
CA GLU B 117 -29.51 11.87 -42.76
C GLU B 117 -30.70 12.81 -42.77
N GLY B 118 -30.43 14.11 -42.75
CA GLY B 118 -31.50 15.09 -42.77
C GLY B 118 -31.97 15.52 -41.39
N MET B 119 -31.69 14.70 -40.38
CA MET B 119 -32.11 15.05 -39.02
C MET B 119 -31.25 16.19 -38.48
N THR B 120 -31.89 17.16 -37.86
CA THR B 120 -31.16 18.31 -37.34
C THR B 120 -31.25 18.56 -35.84
N ASP B 121 -31.90 17.67 -35.10
CA ASP B 121 -32.02 17.87 -33.66
C ASP B 121 -30.63 17.78 -33.03
N ALA B 122 -30.45 18.49 -31.91
CA ALA B 122 -29.17 18.54 -31.20
C ALA B 122 -28.48 17.21 -30.94
N GLU B 123 -29.18 16.27 -30.35
CA GLU B 123 -28.58 14.97 -30.05
C GLU B 123 -28.17 14.19 -31.30
N THR B 124 -29.01 14.16 -32.33
CA THR B 124 -28.67 13.43 -33.55
C THR B 124 -27.44 14.03 -34.24
N LEU B 125 -27.32 15.35 -34.21
CA LEU B 125 -26.16 15.97 -34.84
C LEU B 125 -24.90 15.50 -34.11
N ARG B 126 -24.98 15.39 -32.79
CA ARG B 126 -23.84 14.92 -32.00
C ARG B 126 -23.59 13.46 -32.29
N GLN B 127 -24.66 12.68 -32.39
CA GLN B 127 -24.52 11.24 -32.67
C GLN B 127 -23.92 10.99 -34.05
N ARG B 128 -24.37 11.73 -35.05
CA ARG B 128 -23.84 11.56 -36.40
C ARG B 128 -22.36 11.95 -36.41
N ALA B 129 -22.01 12.99 -35.66
CA ALA B 129 -20.63 13.44 -35.63
C ALA B 129 -19.75 12.35 -35.02
N GLU B 130 -20.23 11.76 -33.93
CA GLU B 130 -19.50 10.70 -33.25
C GLU B 130 -19.39 9.43 -34.07
N ILE B 131 -20.45 9.09 -34.80
CA ILE B 131 -20.42 7.89 -35.63
C ILE B 131 -19.38 8.11 -36.71
N ARG B 132 -19.39 9.30 -37.30
CA ARG B 132 -18.43 9.62 -38.34
C ARG B 132 -17.03 9.57 -37.74
N PHE B 133 -16.89 10.00 -36.49
CA PHE B 133 -15.61 9.96 -35.80
C PHE B 133 -15.15 8.52 -35.70
N LEU B 134 -16.04 7.64 -35.25
CA LEU B 134 -15.73 6.24 -35.10
C LEU B 134 -15.35 5.62 -36.45
N ARG B 135 -16.04 6.05 -37.51
CA ARG B 135 -15.78 5.54 -38.85
C ARG B 135 -14.39 6.01 -39.29
N ALA B 136 -14.06 7.25 -38.98
CA ALA B 136 -12.77 7.82 -39.33
C ALA B 136 -11.66 7.04 -38.64
N LEU B 137 -11.89 6.74 -37.36
CA LEU B 137 -10.92 5.98 -36.56
C LEU B 137 -10.70 4.60 -37.20
N HIS B 138 -11.77 3.95 -37.64
CA HIS B 138 -11.66 2.65 -38.29
C HIS B 138 -10.87 2.75 -39.59
N TYR B 139 -11.07 3.83 -40.33
CA TYR B 139 -10.33 4.04 -41.58
C TYR B 139 -8.86 4.27 -41.32
N TRP B 140 -8.54 4.85 -40.15
CA TRP B 140 -7.15 5.08 -39.81
C TRP B 140 -6.48 3.72 -39.61
N TYR B 141 -7.20 2.78 -39.02
CA TYR B 141 -6.65 1.45 -38.81
C TYR B 141 -6.40 0.80 -40.17
N PHE B 142 -7.32 0.99 -41.12
CA PHE B 142 -7.14 0.44 -42.45
C PHE B 142 -5.90 1.08 -43.07
N LEU B 143 -5.82 2.41 -42.95
CA LEU B 143 -4.71 3.16 -43.49
C LEU B 143 -3.38 2.82 -42.83
N ASP B 144 -3.40 2.72 -41.51
CA ASP B 144 -2.18 2.41 -40.78
C ASP B 144 -1.71 1.00 -41.00
N LEU B 145 -2.64 0.06 -40.98
CA LEU B 145 -2.33 -1.37 -41.17
C LEU B 145 -2.10 -1.83 -42.60
N PHE B 146 -2.91 -1.35 -43.53
CA PHE B 146 -2.79 -1.77 -44.92
C PHE B 146 -2.38 -0.69 -45.92
N GLY B 147 -2.45 0.57 -45.52
CA GLY B 147 -2.08 1.66 -46.41
C GLY B 147 -3.19 2.01 -47.40
N LYS B 148 -4.31 1.31 -47.30
CA LYS B 148 -5.45 1.53 -48.18
C LYS B 148 -6.66 0.91 -47.50
N ALA B 149 -7.85 1.11 -48.08
CA ALA B 149 -9.05 0.54 -47.48
C ALA B 149 -10.18 0.26 -48.47
N PRO B 150 -11.00 -0.74 -48.16
CA PRO B 150 -12.14 -1.08 -49.02
C PRO B 150 -13.15 0.00 -48.63
N PHE B 151 -13.30 0.99 -49.50
CA PHE B 151 -14.16 2.14 -49.23
C PHE B 151 -15.60 2.15 -49.68
N LYS B 152 -16.44 2.67 -48.79
CA LYS B 152 -17.87 2.82 -49.02
C LYS B 152 -18.34 3.94 -48.11
N GLU B 153 -18.99 4.92 -48.70
CA GLU B 153 -19.50 6.06 -47.96
C GLU B 153 -20.89 5.77 -47.41
N HIS B 154 -21.59 4.86 -48.07
CA HIS B 154 -22.96 4.51 -47.67
C HIS B 154 -23.17 3.03 -47.48
N PHE B 155 -24.38 2.67 -47.02
CA PHE B 155 -24.74 1.28 -46.79
C PHE B 155 -25.50 0.75 -48.01
N SER B 156 -24.90 -0.18 -48.73
CA SER B 156 -25.53 -0.76 -49.91
C SER B 156 -24.94 -2.10 -50.28
N ASN B 157 -25.49 -2.74 -51.30
CA ASN B 157 -25.00 -4.06 -51.74
C ASN B 157 -23.80 -3.93 -52.68
N ASP B 158 -23.44 -2.70 -53.03
CA ASP B 158 -22.32 -2.46 -53.91
C ASP B 158 -20.99 -2.87 -53.30
N LEU B 159 -20.01 -3.17 -54.15
CA LEU B 159 -18.69 -3.57 -53.70
C LEU B 159 -17.88 -2.34 -53.35
N PRO B 160 -17.15 -2.39 -52.23
CA PRO B 160 -16.35 -1.23 -51.84
C PRO B 160 -15.29 -0.99 -52.91
N VAL B 161 -14.94 0.27 -53.15
CA VAL B 161 -13.91 0.57 -54.12
C VAL B 161 -12.63 0.80 -53.30
N GLU B 162 -11.49 0.82 -53.96
CA GLU B 162 -10.24 1.01 -53.24
C GLU B 162 -9.85 2.48 -53.07
N LYS B 163 -9.49 2.85 -51.85
CA LYS B 163 -9.04 4.21 -51.56
C LYS B 163 -7.72 4.04 -50.81
N LYS B 164 -6.62 4.36 -51.47
CA LYS B 164 -5.31 4.20 -50.83
C LYS B 164 -4.60 5.46 -50.39
N GLY B 165 -3.50 5.23 -49.66
CA GLY B 165 -2.65 6.28 -49.15
C GLY B 165 -3.18 7.69 -48.99
N THR B 166 -2.55 8.61 -49.72
CA THR B 166 -2.89 10.02 -49.69
C THR B 166 -4.39 10.33 -49.75
N GLU B 167 -5.09 9.67 -50.65
CA GLU B 167 -6.51 9.90 -50.80
C GLU B 167 -7.27 9.47 -49.53
N LEU B 168 -6.92 8.30 -49.00
CA LEU B 168 -7.59 7.80 -47.81
C LEU B 168 -7.25 8.73 -46.65
N TYR B 169 -5.98 9.14 -46.59
CA TYR B 169 -5.49 10.03 -45.55
C TYR B 169 -6.30 11.32 -45.57
N THR B 170 -6.39 11.93 -46.75
CA THR B 170 -7.11 13.18 -46.90
C THR B 170 -8.57 13.05 -46.53
N TYR B 171 -9.17 11.91 -46.87
CA TYR B 171 -10.57 11.68 -46.56
C TYR B 171 -10.83 11.65 -45.06
N ILE B 172 -9.88 11.09 -44.31
CA ILE B 172 -10.02 10.98 -42.86
C ILE B 172 -9.85 12.34 -42.18
N GLN B 173 -8.85 13.10 -42.62
CA GLN B 173 -8.61 14.42 -42.02
C GLN B 173 -9.79 15.35 -42.29
N ASN B 174 -10.39 15.21 -43.46
CA ASN B 174 -11.53 16.06 -43.82
C ASN B 174 -12.78 15.67 -43.02
N GLU B 175 -12.96 14.37 -42.81
CA GLU B 175 -14.10 13.89 -42.01
C GLU B 175 -14.02 14.51 -40.61
N LEU B 176 -12.85 14.41 -39.98
CA LEU B 176 -12.67 14.93 -38.63
C LEU B 176 -12.81 16.45 -38.58
N ASN B 177 -12.32 17.12 -39.60
CA ASN B 177 -12.41 18.57 -39.63
C ASN B 177 -13.85 19.03 -39.85
N GLU B 178 -14.64 18.22 -40.55
CA GLU B 178 -16.02 18.58 -40.81
C GLU B 178 -16.95 18.37 -39.61
N ILE B 179 -16.67 17.34 -38.81
CA ILE B 179 -17.54 17.04 -37.67
C ILE B 179 -17.18 17.69 -36.34
N GLU B 180 -16.01 18.31 -36.26
CA GLU B 180 -15.58 18.93 -35.02
C GLU B 180 -16.69 19.74 -34.36
N ALA B 181 -17.19 20.74 -35.07
CA ALA B 181 -18.23 21.63 -34.57
C ALA B 181 -19.45 21.00 -33.89
N ASP B 182 -19.86 19.81 -34.33
CA ASP B 182 -21.02 19.16 -33.73
C ASP B 182 -20.69 18.23 -32.58
N MET B 183 -19.41 18.13 -32.22
CA MET B 183 -19.03 17.26 -31.12
C MET B 183 -19.02 17.97 -29.78
N TYR B 184 -19.16 17.21 -28.71
CA TYR B 184 -19.15 17.75 -27.36
C TYR B 184 -17.81 18.41 -27.07
N GLU B 185 -17.81 19.40 -26.18
CA GLU B 185 -16.59 20.07 -25.79
C GLU B 185 -15.81 19.06 -24.95
N PRO B 186 -14.47 19.24 -24.83
CA PRO B 186 -13.67 18.32 -24.03
C PRO B 186 -14.24 18.01 -22.65
N ARG B 187 -14.48 16.71 -22.42
CA ARG B 187 -15.02 16.19 -21.17
C ARG B 187 -16.49 16.53 -20.92
N GLN B 188 -17.19 17.01 -21.94
CA GLN B 188 -18.60 17.34 -21.76
C GLN B 188 -19.53 16.22 -22.22
N ALA B 189 -18.95 15.18 -22.82
CA ALA B 189 -19.74 14.05 -23.30
C ALA B 189 -19.84 12.97 -22.24
N PRO B 190 -20.91 12.16 -22.32
CA PRO B 190 -21.09 11.07 -21.35
C PRO B 190 -19.81 10.24 -21.39
N PHE B 191 -19.34 9.76 -20.25
CA PHE B 191 -18.10 8.99 -20.24
C PHE B 191 -18.25 7.77 -21.14
N GLY B 192 -17.47 7.74 -22.20
CA GLY B 192 -17.53 6.63 -23.13
C GLY B 192 -17.75 7.13 -24.55
N ARG B 193 -18.16 8.38 -24.67
CA ARG B 193 -18.38 8.98 -25.99
C ARG B 193 -17.26 9.94 -26.37
N ALA B 194 -17.03 10.07 -27.67
CA ALA B 194 -15.97 10.92 -28.19
C ALA B 194 -16.34 12.40 -28.24
N ASP B 195 -15.38 13.24 -27.87
CA ASP B 195 -15.60 14.68 -27.90
C ASP B 195 -14.57 15.31 -28.85
N LYS B 196 -14.50 16.64 -28.85
CA LYS B 196 -13.57 17.34 -29.72
C LYS B 196 -12.12 16.94 -29.45
N ALA B 197 -11.79 16.67 -28.19
CA ALA B 197 -10.43 16.28 -27.86
C ALA B 197 -10.08 14.97 -28.56
N ALA B 198 -11.01 14.02 -28.59
CA ALA B 198 -10.77 12.74 -29.26
C ALA B 198 -10.52 13.04 -30.74
N ASN B 199 -11.33 13.92 -31.30
CA ASN B 199 -11.18 14.32 -32.69
C ASN B 199 -9.76 14.84 -32.91
N TRP B 200 -9.35 15.81 -32.10
CA TRP B 200 -8.02 16.41 -32.21
C TRP B 200 -6.88 15.41 -32.04
N LEU B 201 -7.00 14.52 -31.07
CA LEU B 201 -5.96 13.53 -30.83
C LEU B 201 -5.75 12.67 -32.06
N LEU B 202 -6.84 12.20 -32.66
CA LEU B 202 -6.73 11.36 -33.85
C LEU B 202 -6.08 12.13 -35.01
N ARG B 203 -6.44 13.40 -35.19
CA ARG B 203 -5.84 14.18 -36.26
C ARG B 203 -4.34 14.34 -35.96
N ALA B 204 -4.03 14.63 -34.71
CA ALA B 204 -2.63 14.78 -34.31
C ALA B 204 -1.90 13.50 -34.73
N ARG B 205 -2.50 12.35 -34.42
CA ARG B 205 -1.94 11.04 -34.76
C ARG B 205 -1.76 10.89 -36.27
N LEU B 206 -2.77 11.33 -37.02
CA LEU B 206 -2.75 11.26 -38.47
C LEU B 206 -1.61 12.15 -39.02
N TYR B 207 -1.51 13.37 -38.51
CA TYR B 207 -0.46 14.28 -38.94
C TYR B 207 0.94 13.76 -38.60
N LEU B 208 1.08 13.16 -37.42
CA LEU B 208 2.37 12.62 -36.98
C LEU B 208 2.84 11.52 -37.93
N ASN B 209 1.89 10.80 -38.51
CA ASN B 209 2.19 9.71 -39.43
C ASN B 209 1.99 10.08 -40.89
N ALA B 210 1.77 11.37 -41.18
CA ALA B 210 1.56 11.83 -42.55
C ALA B 210 2.69 11.44 -43.49
N GLY B 211 3.92 11.38 -42.96
CA GLY B 211 5.07 11.01 -43.76
C GLY B 211 4.91 9.60 -44.28
N VAL B 212 4.45 8.71 -43.41
CA VAL B 212 4.26 7.33 -43.77
C VAL B 212 3.10 7.15 -44.76
N TYR B 213 1.97 7.80 -44.47
CA TYR B 213 0.78 7.66 -45.31
C TYR B 213 0.76 8.41 -46.64
N THR B 214 1.41 9.55 -46.72
CA THR B 214 1.39 10.34 -47.95
C THR B 214 2.77 10.64 -48.53
N GLY B 215 3.82 10.33 -47.79
CA GLY B 215 5.15 10.60 -48.28
C GLY B 215 5.55 12.03 -47.95
N GLN B 216 4.66 12.78 -47.31
CA GLN B 216 4.93 14.17 -46.95
C GLN B 216 4.67 14.38 -45.45
N THR B 217 5.68 14.83 -44.72
CA THR B 217 5.52 15.04 -43.29
C THR B 217 4.81 16.36 -42.97
N ASP B 218 4.13 16.40 -41.84
CA ASP B 218 3.39 17.58 -41.42
C ASP B 218 3.49 17.68 -39.90
N TYR B 219 4.70 17.71 -39.38
CA TYR B 219 4.91 17.77 -37.93
C TYR B 219 4.40 19.02 -37.21
N ALA B 220 4.35 20.15 -37.88
CA ALA B 220 3.85 21.38 -37.25
C ALA B 220 2.37 21.15 -36.92
N LYS B 221 1.65 20.53 -37.84
CA LYS B 221 0.23 20.25 -37.63
C LYS B 221 0.05 19.20 -36.54
N ALA B 222 0.98 18.26 -36.45
CA ALA B 222 0.90 17.23 -35.42
C ALA B 222 0.99 17.94 -34.08
N GLU B 223 1.90 18.91 -33.99
CA GLU B 223 2.10 19.70 -32.79
C GLU B 223 0.83 20.47 -32.45
N GLU B 224 0.31 21.19 -33.45
CA GLU B 224 -0.91 21.98 -33.26
C GLU B 224 -2.04 21.22 -32.60
N TYR B 225 -2.43 20.10 -33.20
CA TYR B 225 -3.53 19.32 -32.66
C TYR B 225 -3.17 18.63 -31.35
N ALA B 226 -1.91 18.25 -31.19
CA ALA B 226 -1.48 17.63 -29.95
C ALA B 226 -1.61 18.72 -28.86
N SER B 227 -1.27 19.95 -29.21
CA SER B 227 -1.35 21.08 -28.28
C SER B 227 -2.79 21.43 -27.91
N LYS B 228 -3.71 21.34 -28.87
CA LYS B 228 -5.11 21.65 -28.61
C LYS B 228 -5.64 20.67 -27.56
N VAL B 229 -5.20 19.42 -27.62
CA VAL B 229 -5.62 18.41 -26.65
C VAL B 229 -5.03 18.74 -25.29
N ILE B 230 -3.75 19.08 -25.28
CA ILE B 230 -3.06 19.41 -24.05
C ILE B 230 -3.67 20.65 -23.37
N GLY B 231 -4.19 21.57 -24.17
CA GLY B 231 -4.78 22.77 -23.62
C GLY B 231 -6.23 22.62 -23.22
N SER B 232 -6.78 21.43 -23.40
CA SER B 232 -8.18 21.15 -23.04
C SER B 232 -8.27 20.83 -21.56
N ALA B 233 -9.49 20.59 -21.10
CA ALA B 233 -9.73 20.28 -19.69
C ALA B 233 -9.12 18.96 -19.24
N TYR B 234 -8.69 18.13 -20.19
CA TYR B 234 -8.07 16.84 -19.85
C TYR B 234 -6.77 17.07 -19.09
N LYS B 235 -6.49 16.19 -18.14
CA LYS B 235 -5.27 16.27 -17.32
C LYS B 235 -4.68 14.89 -17.07
N LEU B 236 -3.39 14.85 -16.75
CA LEU B 236 -2.72 13.58 -16.51
C LEU B 236 -3.02 13.00 -15.13
N CYS B 237 -3.29 11.70 -15.10
CA CYS B 237 -3.57 10.99 -13.86
C CYS B 237 -2.28 10.98 -13.04
N THR B 238 -2.38 11.28 -11.75
CA THR B 238 -1.19 11.32 -10.89
C THR B 238 -0.61 9.94 -10.59
N ASN B 239 -1.42 8.91 -10.81
CA ASN B 239 -1.01 7.52 -10.57
C ASN B 239 -1.18 6.72 -11.86
N TYR B 240 -0.08 6.49 -12.55
CA TYR B 240 -0.11 5.77 -13.81
C TYR B 240 -0.87 4.44 -13.77
N SER B 241 -0.56 3.60 -12.80
CA SER B 241 -1.22 2.30 -12.70
C SER B 241 -2.74 2.39 -12.62
N GLU B 242 -3.27 3.48 -12.08
CA GLU B 242 -4.71 3.65 -11.94
C GLU B 242 -5.50 3.74 -13.25
N LEU B 243 -4.83 4.18 -14.31
CA LEU B 243 -5.46 4.30 -15.62
C LEU B 243 -5.86 2.93 -16.16
N PHE B 244 -5.21 1.88 -15.68
CA PHE B 244 -5.47 0.54 -16.15
C PHE B 244 -6.06 -0.38 -15.08
N MET B 245 -6.87 0.20 -14.18
CA MET B 245 -7.48 -0.57 -13.12
C MET B 245 -9.01 -0.69 -13.26
N ALA B 246 -9.59 -1.61 -12.50
CA ALA B 246 -11.01 -1.91 -12.55
C ALA B 246 -11.98 -0.75 -12.35
N ASP B 247 -11.52 0.33 -11.73
CA ASP B 247 -12.40 1.47 -11.51
C ASP B 247 -11.96 2.68 -12.31
N ASN B 248 -11.34 2.45 -13.46
CA ASN B 248 -10.89 3.58 -14.29
C ASN B 248 -12.06 4.31 -14.92
N ASP B 249 -13.29 3.89 -14.63
CA ASP B 249 -14.46 4.59 -15.16
C ASP B 249 -15.24 5.28 -14.02
N GLU B 250 -14.65 5.30 -12.82
CA GLU B 250 -15.26 5.95 -11.67
C GLU B 250 -14.23 6.77 -10.90
N ASN B 251 -12.94 6.46 -11.10
CA ASN B 251 -11.86 7.19 -10.44
C ASN B 251 -11.51 8.44 -11.25
N GLU B 252 -11.90 9.60 -10.74
CA GLU B 252 -11.63 10.87 -11.41
C GLU B 252 -10.16 11.06 -11.77
N ASN B 253 -9.26 10.55 -10.93
CA ASN B 253 -7.82 10.69 -11.18
C ASN B 253 -7.49 10.02 -12.52
N ALA B 254 -8.14 8.91 -12.80
CA ALA B 254 -7.93 8.21 -14.05
C ALA B 254 -8.80 8.83 -15.16
N MET B 255 -10.07 9.07 -14.84
CA MET B 255 -11.01 9.62 -15.81
C MET B 255 -10.55 10.92 -16.47
N GLN B 256 -9.89 11.78 -15.70
CA GLN B 256 -9.44 13.06 -16.24
C GLN B 256 -8.46 12.93 -17.41
N GLU B 257 -7.87 11.75 -17.57
CA GLU B 257 -6.92 11.52 -18.67
C GLU B 257 -7.51 10.76 -19.86
N ILE B 258 -8.43 9.86 -19.56
CA ILE B 258 -9.08 9.02 -20.56
C ILE B 258 -10.01 9.75 -21.53
N ILE B 259 -9.44 10.15 -22.66
CA ILE B 259 -10.18 10.87 -23.68
C ILE B 259 -11.22 10.01 -24.40
N LEU B 260 -10.90 8.74 -24.61
CA LEU B 260 -11.84 7.83 -25.25
C LEU B 260 -11.72 6.48 -24.58
N PRO B 261 -12.69 6.14 -23.71
CA PRO B 261 -12.62 4.86 -23.04
C PRO B 261 -13.54 3.83 -23.67
N ILE B 262 -13.05 2.60 -23.80
CA ILE B 262 -13.89 1.52 -24.32
C ILE B 262 -14.48 0.92 -23.05
N ARG B 263 -15.78 1.15 -22.83
CA ARG B 263 -16.45 0.64 -21.65
C ARG B 263 -16.44 -0.88 -21.59
N GLN B 264 -16.14 -1.42 -20.42
CA GLN B 264 -16.09 -2.86 -20.21
C GLN B 264 -16.62 -3.14 -18.82
N ASP B 265 -17.37 -4.23 -18.67
CA ASP B 265 -17.91 -4.60 -17.38
C ASP B 265 -17.89 -6.12 -17.25
N GLY B 266 -17.55 -6.59 -16.06
CA GLY B 266 -17.48 -8.03 -15.82
C GLY B 266 -18.76 -8.81 -16.08
N VAL B 267 -19.88 -8.30 -15.62
CA VAL B 267 -21.15 -8.99 -15.81
C VAL B 267 -21.75 -8.80 -17.20
N LYS B 268 -21.60 -7.61 -17.75
CA LYS B 268 -22.15 -7.29 -19.06
C LYS B 268 -21.28 -7.71 -20.25
N THR B 269 -20.02 -7.28 -20.25
CA THR B 269 -19.11 -7.63 -21.33
C THR B 269 -18.67 -9.09 -21.26
N ARG B 270 -18.50 -9.58 -20.04
CA ARG B 270 -18.09 -10.95 -19.77
C ARG B 270 -16.83 -11.40 -20.52
N ASN B 271 -16.83 -12.65 -20.98
CA ASN B 271 -15.68 -13.24 -21.68
C ASN B 271 -15.46 -12.70 -23.11
N TYR B 272 -16.42 -11.94 -23.62
CA TYR B 272 -16.30 -11.40 -24.97
C TYR B 272 -15.83 -9.95 -25.03
N GLY B 273 -14.74 -9.64 -24.33
CA GLY B 273 -14.25 -8.27 -24.34
C GLY B 273 -12.76 -8.09 -24.55
N GLY B 274 -12.33 -6.84 -24.62
CA GLY B 274 -10.93 -6.54 -24.81
C GLY B 274 -10.17 -6.65 -23.50
N SER B 275 -10.75 -6.13 -22.42
CA SER B 275 -10.13 -6.17 -21.09
C SER B 275 -9.86 -7.60 -20.66
N THR B 276 -10.78 -8.50 -20.99
CA THR B 276 -10.64 -9.91 -20.64
C THR B 276 -9.31 -10.42 -21.16
N TYR B 277 -9.02 -10.05 -22.41
CA TYR B 277 -7.80 -10.43 -23.10
C TYR B 277 -6.55 -9.86 -22.40
N LEU B 278 -6.61 -8.59 -22.04
CA LEU B 278 -5.51 -7.90 -21.39
C LEU B 278 -5.22 -8.34 -19.96
N VAL B 279 -6.24 -8.81 -19.24
CA VAL B 279 -6.03 -9.26 -17.87
C VAL B 279 -5.81 -10.77 -17.79
N CYS B 280 -6.74 -11.55 -18.34
CA CYS B 280 -6.63 -13.00 -18.31
C CYS B 280 -5.47 -13.49 -19.18
N GLY B 281 -5.25 -12.79 -20.29
CA GLY B 281 -4.20 -13.18 -21.20
C GLY B 281 -2.76 -13.03 -20.70
N THR B 282 -2.57 -12.18 -19.69
CA THR B 282 -1.23 -11.94 -19.16
C THR B 282 -0.96 -12.58 -17.82
N ARG B 283 -1.93 -13.33 -17.30
CA ARG B 283 -1.74 -13.98 -16.01
C ARG B 283 -1.73 -15.50 -16.10
N VAL B 284 -1.18 -16.13 -15.07
CA VAL B 284 -1.13 -17.58 -14.98
C VAL B 284 -1.30 -17.95 -13.51
N ALA B 285 -1.91 -19.09 -13.24
CA ALA B 285 -2.13 -19.54 -11.88
C ALA B 285 -0.82 -19.49 -11.10
N GLY B 286 -0.89 -19.01 -9.86
CA GLY B 286 0.30 -18.92 -9.05
C GLY B 286 0.79 -17.50 -8.81
N MET B 287 0.44 -16.60 -9.73
CA MET B 287 0.82 -15.21 -9.62
C MET B 287 -0.03 -14.53 -8.57
N PRO B 288 0.55 -13.61 -7.79
CA PRO B 288 -0.20 -12.90 -6.76
C PRO B 288 -1.15 -11.87 -7.37
N ARG B 289 -2.34 -11.74 -6.80
CA ARG B 289 -3.34 -10.77 -7.27
C ARG B 289 -3.60 -10.84 -8.79
N MET B 290 -4.07 -12.00 -9.24
CA MET B 290 -4.37 -12.20 -10.66
C MET B 290 -5.56 -11.33 -11.09
N GLY B 291 -6.51 -11.15 -10.19
CA GLY B 291 -7.68 -10.35 -10.51
C GLY B 291 -8.68 -11.14 -11.33
N THR B 292 -8.40 -12.43 -11.50
CA THR B 292 -9.27 -13.33 -12.26
C THR B 292 -9.01 -14.78 -11.89
N THR B 293 -10.01 -15.64 -12.08
CA THR B 293 -9.87 -17.05 -11.79
C THR B 293 -9.26 -17.81 -12.96
N ASN B 294 -9.30 -17.21 -14.14
CA ASN B 294 -8.78 -17.87 -15.33
C ASN B 294 -7.61 -17.15 -15.99
N GLY B 295 -6.40 -17.62 -15.71
CA GLY B 295 -5.22 -17.03 -16.33
C GLY B 295 -4.89 -17.83 -17.57
N TRP B 296 -5.04 -17.22 -18.74
CA TRP B 296 -4.76 -17.89 -20.02
C TRP B 296 -3.26 -18.12 -20.27
N SER B 297 -2.43 -17.26 -19.66
CA SER B 297 -0.98 -17.31 -19.82
C SER B 297 -0.56 -17.32 -21.29
N CYS B 298 -0.93 -16.26 -22.02
CA CYS B 298 -0.61 -16.15 -23.44
C CYS B 298 0.41 -15.07 -23.76
N ILE B 299 0.25 -13.90 -23.14
CA ILE B 299 1.12 -12.76 -23.41
C ILE B 299 2.16 -12.47 -22.35
N PHE B 300 3.40 -12.29 -22.79
CA PHE B 300 4.47 -11.96 -21.86
C PHE B 300 5.48 -11.06 -22.57
N ALA B 301 6.26 -10.31 -21.80
CA ALA B 301 7.22 -9.38 -22.37
C ALA B 301 8.44 -10.02 -23.00
N ARG B 302 8.91 -9.42 -24.10
CA ARG B 302 10.12 -9.89 -24.76
C ARG B 302 11.23 -9.20 -23.97
N ALA B 303 12.46 -9.71 -24.05
CA ALA B 303 13.54 -9.10 -23.31
C ALA B 303 13.77 -7.63 -23.71
N ALA B 304 13.50 -7.29 -24.96
CA ALA B 304 13.67 -5.92 -25.45
C ALA B 304 12.70 -4.96 -24.76
N MET B 305 11.54 -5.46 -24.38
CA MET B 305 10.53 -4.64 -23.71
C MET B 305 11.03 -4.32 -22.30
N VAL B 306 11.57 -5.32 -21.62
CA VAL B 306 12.10 -5.15 -20.28
C VAL B 306 13.28 -4.19 -20.30
N GLN B 307 14.02 -4.20 -21.41
CA GLN B 307 15.18 -3.35 -21.57
C GLN B 307 14.81 -1.88 -21.67
N LYS B 308 13.54 -1.60 -21.94
CA LYS B 308 13.07 -0.23 -22.04
C LYS B 308 13.17 0.42 -20.66
N PHE B 309 13.05 -0.40 -19.63
CA PHE B 309 13.13 0.09 -18.27
C PHE B 309 14.53 -0.16 -17.69
N PHE B 310 15.20 -1.19 -18.17
CA PHE B 310 16.55 -1.51 -17.70
C PHE B 310 17.54 -1.63 -18.86
N SER B 311 18.26 -0.55 -19.14
CA SER B 311 19.24 -0.53 -20.23
C SER B 311 20.15 -1.75 -20.15
N ASN B 312 20.60 -2.06 -18.95
CA ASN B 312 21.45 -3.21 -18.71
C ASN B 312 20.53 -4.23 -18.06
N LEU B 313 20.20 -5.28 -18.81
CA LEU B 313 19.30 -6.31 -18.31
C LEU B 313 19.81 -7.01 -17.05
N GLU B 314 21.05 -6.73 -16.66
CA GLU B 314 21.62 -7.33 -15.46
C GLU B 314 21.10 -6.63 -14.20
N ASP B 315 20.49 -5.47 -14.39
CA ASP B 315 19.94 -4.72 -13.26
C ASP B 315 18.50 -5.18 -12.94
N VAL B 316 17.89 -5.91 -13.86
CA VAL B 316 16.53 -6.39 -13.64
C VAL B 316 16.51 -7.35 -12.46
N PRO B 317 15.68 -7.06 -11.44
CA PRO B 317 15.58 -7.93 -10.27
C PRO B 317 15.19 -9.34 -10.73
N MET B 318 15.98 -10.33 -10.32
CA MET B 318 15.71 -11.72 -10.70
C MET B 318 16.09 -12.65 -9.56
N LEU B 319 15.39 -13.78 -9.49
CA LEU B 319 15.71 -14.79 -8.49
C LEU B 319 17.01 -15.39 -8.98
N PRO B 320 17.98 -15.63 -8.08
CA PRO B 320 19.25 -16.21 -8.53
C PRO B 320 19.01 -17.63 -9.03
N ALA B 321 19.82 -18.07 -9.98
CA ALA B 321 19.68 -19.42 -10.53
C ALA B 321 19.92 -20.48 -9.47
N ASP B 322 20.79 -20.18 -8.50
CA ASP B 322 21.11 -21.13 -7.45
C ASP B 322 20.09 -21.18 -6.31
N VAL B 323 19.04 -20.40 -6.44
CA VAL B 323 18.00 -20.38 -5.42
C VAL B 323 16.81 -21.20 -5.91
N GLU B 324 16.59 -22.34 -5.27
CA GLU B 324 15.49 -23.21 -5.63
C GLU B 324 14.16 -22.59 -5.27
N ILE B 325 13.13 -22.93 -6.03
CA ILE B 325 11.79 -22.44 -5.77
C ILE B 325 11.03 -23.55 -5.05
N PRO B 326 10.65 -23.33 -3.79
CA PRO B 326 9.93 -24.35 -3.02
C PRO B 326 8.71 -24.91 -3.73
N THR B 327 8.43 -26.18 -3.49
CA THR B 327 7.28 -26.83 -4.10
C THR B 327 6.15 -26.93 -3.09
N LYS B 328 6.20 -26.06 -2.08
CA LYS B 328 5.19 -26.02 -1.05
C LYS B 328 5.27 -24.66 -0.37
N GLY B 329 4.21 -24.31 0.35
CA GLY B 329 4.19 -23.05 1.08
C GLY B 329 4.18 -21.80 0.21
N LEU B 330 3.57 -21.89 -0.96
CA LEU B 330 3.49 -20.74 -1.86
C LEU B 330 2.14 -20.76 -2.56
N ASP B 331 1.10 -21.00 -1.78
CA ASP B 331 -0.25 -21.07 -2.33
C ASP B 331 -1.00 -19.75 -2.25
N THR B 332 -0.75 -18.97 -1.21
CA THR B 332 -1.43 -17.69 -1.02
C THR B 332 -0.59 -16.50 -1.47
N ASP B 333 -1.25 -15.37 -1.74
CA ASP B 333 -0.55 -14.17 -2.16
C ASP B 333 0.44 -13.76 -1.08
N GLU B 334 0.00 -13.84 0.18
CA GLU B 334 0.83 -13.48 1.31
C GLU B 334 2.15 -14.26 1.32
N GLN B 335 2.08 -15.56 1.02
CA GLN B 335 3.29 -16.39 1.01
C GLN B 335 4.19 -16.03 -0.14
N ILE B 336 3.59 -15.85 -1.32
CA ILE B 336 4.32 -15.49 -2.52
C ILE B 336 4.99 -14.13 -2.36
N ASP B 337 4.23 -13.14 -1.89
CA ASP B 337 4.77 -11.80 -1.69
C ASP B 337 5.93 -11.81 -0.71
N ALA B 338 5.78 -12.55 0.38
CA ALA B 338 6.82 -12.63 1.39
C ALA B 338 8.09 -13.23 0.80
N PHE B 339 7.93 -14.27 -0.01
CA PHE B 339 9.08 -14.92 -0.65
C PHE B 339 9.71 -13.97 -1.67
N ASP B 340 8.86 -13.33 -2.49
CA ASP B 340 9.37 -12.39 -3.49
C ASP B 340 10.13 -11.24 -2.83
N ALA B 341 9.57 -10.72 -1.74
CA ALA B 341 10.19 -9.60 -1.01
C ALA B 341 11.56 -9.98 -0.49
N GLU B 342 11.68 -11.20 0.01
CA GLU B 342 12.95 -11.68 0.53
C GLU B 342 14.00 -11.59 -0.57
N HIS B 343 13.61 -11.93 -1.79
CA HIS B 343 14.52 -11.92 -2.93
C HIS B 343 14.40 -10.69 -3.82
N GLY B 344 13.75 -9.64 -3.29
CA GLY B 344 13.58 -8.41 -4.02
C GLY B 344 12.93 -8.53 -5.38
N ILE B 345 12.03 -9.49 -5.54
CA ILE B 345 11.39 -9.66 -6.83
C ILE B 345 9.87 -9.50 -6.87
N ARG B 346 9.34 -8.60 -6.05
CA ARG B 346 7.93 -8.30 -6.06
C ARG B 346 7.82 -7.23 -7.14
N THR B 347 6.66 -7.09 -7.77
CA THR B 347 6.50 -6.08 -8.80
C THR B 347 6.85 -4.68 -8.27
N GLU B 348 6.54 -4.42 -7.01
CA GLU B 348 6.86 -3.10 -6.46
C GLU B 348 8.37 -2.96 -6.34
N ASP B 349 9.07 -4.08 -6.24
CA ASP B 349 10.53 -4.05 -6.15
C ASP B 349 11.06 -3.81 -7.56
N MET B 350 10.32 -4.32 -8.55
CA MET B 350 10.68 -4.15 -9.95
C MET B 350 10.58 -2.66 -10.26
N ILE B 351 9.47 -2.05 -9.85
CA ILE B 351 9.25 -0.63 -10.08
C ILE B 351 10.36 0.17 -9.40
N LYS B 352 10.69 -0.22 -8.18
CA LYS B 352 11.73 0.47 -7.43
C LYS B 352 13.08 0.41 -8.12
N ALA B 353 13.47 -0.77 -8.60
CA ALA B 353 14.75 -0.91 -9.27
C ALA B 353 14.76 -0.14 -10.59
N ALA B 354 13.62 -0.06 -11.25
CA ALA B 354 13.52 0.64 -12.54
C ALA B 354 13.46 2.15 -12.40
N GLY B 355 13.12 2.63 -11.19
CA GLY B 355 13.00 4.06 -10.98
C GLY B 355 11.92 4.63 -11.89
N ASP B 356 10.91 3.81 -12.20
CA ASP B 356 9.81 4.20 -13.07
C ASP B 356 8.51 3.49 -12.66
N ASP B 357 7.46 4.27 -12.41
CA ASP B 357 6.17 3.69 -12.01
C ASP B 357 5.57 2.78 -13.08
N ARG B 358 5.99 2.97 -14.33
CA ARG B 358 5.46 2.18 -15.43
C ARG B 358 6.07 0.79 -15.63
N ALA B 359 7.09 0.46 -14.84
CA ALA B 359 7.73 -0.85 -14.97
C ALA B 359 6.88 -1.92 -14.28
N LEU B 360 5.65 -2.08 -14.76
CA LEU B 360 4.72 -3.05 -14.22
C LEU B 360 4.98 -4.46 -14.73
N LEU B 361 6.14 -5.00 -14.35
CA LEU B 361 6.51 -6.34 -14.77
C LEU B 361 6.60 -7.23 -13.54
N TYR B 362 6.72 -8.55 -13.76
CA TYR B 362 6.81 -9.47 -12.66
C TYR B 362 7.83 -10.57 -12.93
N SER B 363 8.75 -10.75 -12.00
CA SER B 363 9.79 -11.76 -12.11
C SER B 363 9.74 -12.67 -10.88
N GLY B 364 8.73 -12.47 -10.05
CA GLY B 364 8.58 -13.26 -8.83
C GLY B 364 8.37 -14.73 -9.11
N VAL B 365 8.31 -15.53 -8.05
CA VAL B 365 8.15 -16.97 -8.20
C VAL B 365 6.74 -17.40 -8.57
N GLY B 366 5.76 -16.52 -8.38
CA GLY B 366 4.39 -16.86 -8.72
C GLY B 366 4.26 -17.30 -10.17
N GLY B 367 3.94 -18.57 -10.38
CA GLY B 367 3.80 -19.08 -11.73
C GLY B 367 5.03 -19.79 -12.25
N GLY B 368 6.07 -19.89 -11.43
CA GLY B 368 7.29 -20.57 -11.84
C GLY B 368 8.46 -19.66 -12.13
N ARG B 369 9.65 -20.24 -12.21
CA ARG B 369 10.86 -19.48 -12.50
C ARG B 369 10.78 -18.86 -13.89
N ARG B 370 11.02 -17.57 -13.97
CA ARG B 370 10.96 -16.90 -15.26
C ARG B 370 12.33 -16.56 -15.83
N LYS B 371 12.33 -16.21 -17.11
CA LYS B 371 13.55 -15.81 -17.79
C LYS B 371 13.27 -14.44 -18.35
N ILE B 372 14.32 -13.74 -18.75
CA ILE B 372 14.13 -12.42 -19.34
C ILE B 372 14.13 -12.66 -20.84
N GLN B 373 15.11 -13.43 -21.29
CA GLN B 373 15.25 -13.77 -22.70
C GLN B 373 15.32 -15.28 -22.85
N THR B 374 14.83 -15.79 -23.97
CA THR B 374 14.85 -17.23 -24.20
C THR B 374 15.50 -17.54 -25.55
N ASP B 375 16.20 -18.66 -25.62
CA ASP B 375 16.86 -19.06 -26.86
C ASP B 375 15.92 -19.88 -27.71
N ALA B 376 14.73 -20.13 -27.16
CA ALA B 376 13.69 -20.91 -27.84
C ALA B 376 12.35 -20.70 -27.12
N ILE B 377 11.34 -20.24 -27.86
CA ILE B 377 10.02 -20.00 -27.28
C ILE B 377 9.32 -21.32 -26.96
N SER B 378 9.04 -21.55 -25.69
CA SER B 378 8.38 -22.78 -25.28
C SER B 378 7.15 -22.57 -24.40
N GLY B 379 7.20 -21.56 -23.53
CA GLY B 379 6.07 -21.30 -22.65
C GLY B 379 5.99 -19.89 -22.09
N PHE B 380 4.90 -19.65 -21.37
CA PHE B 380 4.63 -18.36 -20.76
C PHE B 380 5.78 -17.79 -19.92
N THR B 381 6.50 -18.67 -19.22
CA THR B 381 7.59 -18.22 -18.36
C THR B 381 8.92 -17.94 -19.04
N ASP B 382 8.94 -17.95 -20.38
CA ASP B 382 10.19 -17.66 -21.09
C ASP B 382 10.49 -16.16 -21.08
N GLY B 383 9.60 -15.39 -20.44
CA GLY B 383 9.77 -13.97 -20.35
C GLY B 383 9.05 -13.43 -19.12
N LEU B 384 9.29 -12.17 -18.78
CA LEU B 384 8.65 -11.58 -17.61
C LEU B 384 7.17 -11.31 -17.90
N SER B 385 6.33 -11.46 -16.89
CA SER B 385 4.91 -11.23 -17.05
C SER B 385 4.62 -9.73 -17.01
N ILE B 386 3.59 -9.32 -17.72
CA ILE B 386 3.19 -7.92 -17.75
C ILE B 386 1.91 -7.80 -16.93
N VAL B 387 2.00 -7.10 -15.80
CA VAL B 387 0.86 -6.93 -14.92
C VAL B 387 0.29 -5.51 -14.98
N LYS B 388 0.57 -4.83 -16.09
CA LYS B 388 0.10 -3.45 -16.29
C LYS B 388 -1.43 -3.32 -16.15
N TRP B 389 -2.16 -4.24 -16.77
CA TRP B 389 -3.61 -4.20 -16.71
C TRP B 389 -4.09 -4.97 -15.49
N GLN B 390 -5.04 -4.41 -14.74
CA GLN B 390 -5.52 -5.10 -13.55
C GLN B 390 -7.03 -5.11 -13.38
N ASN B 391 -7.54 -6.14 -12.71
CA ASN B 391 -8.97 -6.18 -12.44
C ASN B 391 -9.17 -5.89 -10.95
N TYR B 392 -8.52 -4.83 -10.46
CA TYR B 392 -8.64 -4.43 -9.07
C TYR B 392 -8.93 -2.95 -9.04
N ARG B 393 -9.78 -2.53 -8.11
CA ARG B 393 -10.12 -1.12 -7.96
C ARG B 393 -9.08 -0.38 -7.16
N SER B 394 -8.84 0.88 -7.51
CA SER B 394 -7.89 1.70 -6.78
C SER B 394 -8.53 2.07 -5.43
N ASP B 395 -9.86 2.08 -5.37
CA ASP B 395 -10.55 2.43 -4.14
C ASP B 395 -10.82 1.19 -3.28
N GLY B 396 -10.21 0.07 -3.68
CA GLY B 396 -10.35 -1.18 -2.94
C GLY B 396 -11.72 -1.84 -2.91
N LYS B 397 -12.73 -1.24 -3.53
CA LYS B 397 -14.06 -1.83 -3.52
C LYS B 397 -14.15 -3.06 -4.43
N PRO B 398 -15.20 -3.87 -4.24
CA PRO B 398 -15.40 -5.09 -5.04
C PRO B 398 -15.60 -4.84 -6.54
N VAL B 399 -15.23 -5.83 -7.34
CA VAL B 399 -15.44 -5.77 -8.79
C VAL B 399 -16.67 -6.64 -9.05
N SER B 400 -17.32 -6.47 -10.20
CA SER B 400 -18.54 -7.20 -10.52
C SER B 400 -18.45 -8.71 -10.75
N HIS B 401 -17.30 -9.19 -11.21
CA HIS B 401 -17.17 -10.61 -11.52
C HIS B 401 -15.83 -11.18 -11.10
N ALA B 402 -15.82 -12.45 -10.70
CA ALA B 402 -14.60 -13.11 -10.27
C ALA B 402 -13.72 -13.53 -11.44
N THR B 403 -14.26 -13.51 -12.65
CA THR B 403 -13.47 -13.95 -13.80
C THR B 403 -13.30 -12.86 -14.86
N TYR B 404 -14.40 -12.25 -15.27
CA TYR B 404 -14.35 -11.19 -16.28
C TYR B 404 -14.09 -9.87 -15.56
N PRO B 405 -13.15 -9.07 -16.09
CA PRO B 405 -12.80 -7.79 -15.49
C PRO B 405 -13.73 -6.62 -15.79
N ASP B 406 -13.67 -5.60 -14.93
CA ASP B 406 -14.48 -4.39 -15.10
C ASP B 406 -13.66 -3.28 -15.77
N THR B 407 -12.35 -3.49 -15.84
CA THR B 407 -11.43 -2.51 -16.41
C THR B 407 -11.78 -2.03 -17.81
N ASP B 408 -11.84 -0.71 -17.97
CA ASP B 408 -12.12 -0.12 -19.28
C ASP B 408 -10.79 -0.03 -20.01
N ILE B 409 -10.85 0.11 -21.33
CA ILE B 409 -9.61 0.25 -22.09
C ILE B 409 -9.52 1.72 -22.45
N PRO B 410 -8.54 2.43 -21.89
CA PRO B 410 -8.40 3.86 -22.21
C PRO B 410 -7.71 3.97 -23.56
N LEU B 411 -8.47 3.70 -24.61
CA LEU B 411 -7.96 3.72 -25.97
C LEU B 411 -7.21 5.02 -26.27
N PHE B 412 -7.83 6.14 -25.93
CA PHE B 412 -7.22 7.45 -26.11
C PHE B 412 -6.86 8.01 -24.73
N ARG B 413 -5.61 8.45 -24.57
CA ARG B 413 -5.12 9.01 -23.30
C ARG B 413 -4.41 10.33 -23.55
N LEU B 414 -4.55 11.29 -22.64
CA LEU B 414 -3.89 12.57 -22.80
C LEU B 414 -2.40 12.39 -23.07
N ALA B 415 -1.81 11.38 -22.43
CA ALA B 415 -0.39 11.10 -22.59
C ALA B 415 0.06 11.02 -24.06
N GLU B 416 -0.81 10.57 -24.96
CA GLU B 416 -0.45 10.48 -26.37
C GLU B 416 -0.15 11.87 -26.92
N ALA B 417 -0.87 12.88 -26.44
CA ALA B 417 -0.65 14.25 -26.90
C ALA B 417 0.78 14.70 -26.58
N TYR B 418 1.21 14.47 -25.33
CA TYR B 418 2.55 14.85 -24.90
C TYR B 418 3.61 14.16 -25.77
N LEU B 419 3.52 12.85 -25.90
CA LEU B 419 4.47 12.10 -26.69
C LEU B 419 4.38 12.49 -28.17
N THR B 420 3.18 12.82 -28.64
CA THR B 420 3.02 13.23 -30.02
C THR B 420 3.64 14.62 -30.25
N ARG B 421 3.41 15.53 -29.31
CA ARG B 421 4.00 16.86 -29.46
C ARG B 421 5.50 16.77 -29.32
N ALA B 422 5.96 15.98 -28.36
CA ALA B 422 7.40 15.79 -28.12
C ALA B 422 8.11 15.38 -29.41
N GLU B 423 7.64 14.30 -30.02
CA GLU B 423 8.25 13.81 -31.27
C GLU B 423 8.13 14.84 -32.40
N ALA B 424 6.97 15.49 -32.50
CA ALA B 424 6.78 16.49 -33.55
C ALA B 424 7.76 17.64 -33.39
N ILE B 425 7.98 18.05 -32.14
CA ILE B 425 8.90 19.13 -31.84
C ILE B 425 10.33 18.70 -32.15
N PHE B 426 10.65 17.46 -31.80
CA PHE B 426 11.97 16.91 -32.06
C PHE B 426 12.25 16.94 -33.56
N ARG B 427 11.32 16.40 -34.35
CA ARG B 427 11.45 16.34 -35.81
C ARG B 427 11.68 17.71 -36.42
N GLN B 428 11.09 18.72 -35.79
CA GLN B 428 11.21 20.10 -36.27
C GLN B 428 12.47 20.81 -35.78
N GLY B 429 13.37 20.06 -35.16
CA GLY B 429 14.62 20.64 -34.68
C GLY B 429 14.56 21.36 -33.34
N GLY B 430 13.43 21.23 -32.64
CA GLY B 430 13.29 21.89 -31.35
C GLY B 430 13.67 21.01 -30.18
N ASP B 431 13.52 21.55 -28.98
CA ASP B 431 13.84 20.87 -27.74
C ASP B 431 12.55 20.27 -27.14
N ALA B 432 12.48 18.94 -27.14
CA ALA B 432 11.30 18.24 -26.63
C ALA B 432 11.47 17.66 -25.24
N THR B 433 12.49 18.08 -24.50
CA THR B 433 12.71 17.56 -23.16
C THR B 433 11.54 17.89 -22.24
N GLY B 434 10.88 19.01 -22.50
CA GLY B 434 9.75 19.40 -21.68
C GLY B 434 8.58 18.43 -21.67
N ASP B 435 8.07 18.09 -22.86
CA ASP B 435 6.94 17.18 -22.94
C ASP B 435 7.31 15.76 -22.55
N ILE B 436 8.53 15.35 -22.86
CA ILE B 436 8.97 14.02 -22.50
C ILE B 436 9.06 13.90 -20.98
N ASN B 437 9.71 14.88 -20.34
CA ASN B 437 9.84 14.85 -18.89
C ASN B 437 8.53 15.07 -18.19
N GLU B 438 7.52 15.53 -18.93
CA GLU B 438 6.22 15.74 -18.34
C GLU B 438 5.65 14.35 -17.98
N LEU B 439 5.89 13.39 -18.88
CA LEU B 439 5.44 12.01 -18.68
C LEU B 439 6.33 11.26 -17.71
N ARG B 440 7.63 11.57 -17.73
CA ARG B 440 8.55 10.89 -16.83
C ARG B 440 8.34 11.35 -15.39
N LYS B 441 7.94 12.60 -15.20
CA LYS B 441 7.67 13.11 -13.85
C LYS B 441 6.40 12.46 -13.31
N ARG B 442 5.39 12.31 -14.17
CA ARG B 442 4.13 11.70 -13.75
C ARG B 442 4.37 10.28 -13.25
N ALA B 443 5.28 9.59 -13.91
CA ALA B 443 5.63 8.22 -13.57
C ALA B 443 6.72 8.16 -12.48
N ASN B 444 7.00 9.32 -11.88
CA ASN B 444 8.01 9.42 -10.82
C ASN B 444 9.36 8.82 -11.20
N CYS B 445 9.84 9.12 -12.40
CA CYS B 445 11.12 8.60 -12.86
C CYS B 445 12.32 9.25 -12.15
N THR B 446 13.27 8.44 -11.75
CA THR B 446 14.44 8.99 -11.09
C THR B 446 15.37 9.55 -12.17
N ARG B 447 15.25 9.04 -13.39
CA ARG B 447 16.07 9.53 -14.48
C ARG B 447 15.27 10.48 -15.37
N LYS B 448 15.82 11.66 -15.63
CA LYS B 448 15.17 12.64 -16.49
C LYS B 448 16.00 12.75 -17.76
N VAL B 449 15.34 13.04 -18.87
CA VAL B 449 16.04 13.17 -20.14
C VAL B 449 16.61 14.58 -20.25
N GLN B 450 17.90 14.66 -20.58
CA GLN B 450 18.59 15.93 -20.72
C GLN B 450 18.55 16.31 -22.20
N THR B 451 18.66 15.30 -23.06
CA THR B 451 18.60 15.52 -24.49
C THR B 451 17.76 14.43 -25.14
N VAL B 452 16.84 14.86 -26.00
CA VAL B 452 15.97 13.93 -26.69
C VAL B 452 16.64 13.45 -27.96
N THR B 453 16.58 12.14 -28.18
CA THR B 453 17.16 11.54 -29.37
C THR B 453 16.08 10.61 -29.92
N GLU B 454 16.26 10.17 -31.16
CA GLU B 454 15.29 9.29 -31.77
C GLU B 454 15.06 8.02 -30.95
N GLN B 455 16.13 7.42 -30.41
CA GLN B 455 15.98 6.20 -29.64
C GLN B 455 15.25 6.47 -28.33
N GLU B 456 15.54 7.60 -27.70
CA GLU B 456 14.88 7.94 -26.45
C GLU B 456 13.37 8.04 -26.70
N LEU B 457 13.00 8.63 -27.83
CA LEU B 457 11.59 8.79 -28.19
C LEU B 457 10.87 7.46 -28.38
N ILE B 458 11.38 6.63 -29.27
CA ILE B 458 10.73 5.34 -29.53
C ILE B 458 10.69 4.49 -28.27
N ASP B 459 11.68 4.66 -27.40
CA ASP B 459 11.73 3.90 -26.15
C ASP B 459 10.69 4.47 -25.18
N GLU B 460 10.48 5.78 -25.23
CA GLU B 460 9.50 6.39 -24.35
C GLU B 460 8.10 5.96 -24.82
N TRP B 461 7.91 5.82 -26.13
CA TRP B 461 6.61 5.41 -26.67
C TRP B 461 6.25 4.04 -26.12
N ALA B 462 7.26 3.21 -25.93
CA ALA B 462 7.06 1.86 -25.40
C ALA B 462 6.78 1.88 -23.91
N ARG B 463 7.56 2.64 -23.15
CA ARG B 463 7.36 2.74 -21.70
C ARG B 463 5.96 3.23 -21.37
N GLU B 464 5.51 4.22 -22.12
CA GLU B 464 4.21 4.82 -21.89
C GLU B 464 3.02 3.97 -22.30
N PHE B 465 3.01 3.55 -23.57
CA PHE B 465 1.89 2.78 -24.11
C PHE B 465 2.09 1.30 -24.39
N TYR B 466 3.09 0.65 -23.82
CA TYR B 466 3.25 -0.77 -24.12
C TYR B 466 1.97 -1.53 -23.80
N LEU B 467 1.63 -2.47 -24.68
CA LEU B 467 0.42 -3.27 -24.55
C LEU B 467 -0.85 -2.43 -24.58
N GLU B 468 -0.86 -1.41 -25.43
CA GLU B 468 -2.04 -0.58 -25.59
C GLU B 468 -2.38 -0.58 -27.09
N GLY B 469 -1.81 -1.56 -27.78
CA GLY B 469 -2.05 -1.75 -29.20
C GLY B 469 -1.60 -0.76 -30.25
N ARG B 470 -0.41 -0.17 -30.10
CA ARG B 470 0.04 0.80 -31.10
C ARG B 470 1.51 0.67 -31.50
N ARG B 471 2.27 -0.11 -30.75
CA ARG B 471 3.69 -0.29 -31.01
C ARG B 471 4.09 -0.36 -32.50
N ARG B 472 3.57 -1.35 -33.20
CA ARG B 472 3.90 -1.51 -34.62
C ARG B 472 3.86 -0.18 -35.38
N SER B 473 2.73 0.52 -35.27
CA SER B 473 2.56 1.80 -35.94
C SER B 473 3.72 2.77 -35.67
N ASP B 474 4.15 2.87 -34.43
CA ASP B 474 5.25 3.78 -34.12
C ASP B 474 6.57 3.27 -34.68
N LEU B 475 6.81 1.98 -34.59
CA LEU B 475 8.03 1.39 -35.12
C LEU B 475 8.14 1.66 -36.62
N VAL B 476 7.02 1.56 -37.32
CA VAL B 476 7.02 1.81 -38.76
C VAL B 476 7.43 3.24 -39.05
N ARG B 477 6.81 4.19 -38.34
CA ARG B 477 7.11 5.60 -38.53
C ARG B 477 8.59 5.90 -38.31
N PHE B 478 9.20 5.18 -37.38
CA PHE B 478 10.62 5.36 -37.07
C PHE B 478 11.54 4.51 -37.96
N GLY B 479 10.95 3.85 -38.96
CA GLY B 479 11.74 3.01 -39.84
C GLY B 479 12.46 1.93 -39.06
N MET B 480 11.80 1.40 -38.03
CA MET B 480 12.39 0.37 -37.19
C MET B 480 11.65 -0.96 -37.16
N PHE B 481 10.46 -1.01 -37.75
CA PHE B 481 9.67 -2.22 -37.72
C PHE B 481 10.18 -3.43 -38.51
N THR B 482 10.72 -3.22 -39.71
CA THR B 482 11.21 -4.34 -40.52
C THR B 482 12.71 -4.32 -40.78
N THR B 483 13.29 -3.14 -40.71
CA THR B 483 14.72 -2.93 -40.98
C THR B 483 15.68 -3.36 -39.88
N ASN B 484 16.97 -3.20 -40.17
CA ASN B 484 18.06 -3.52 -39.25
C ASN B 484 18.38 -2.38 -38.28
N LYS B 485 17.66 -1.28 -38.46
CA LYS B 485 17.84 -0.09 -37.62
C LYS B 485 17.61 -0.43 -36.16
N TYR B 486 16.68 -1.36 -35.90
CA TYR B 486 16.35 -1.79 -34.56
C TYR B 486 16.03 -3.28 -34.53
N LEU B 487 16.88 -4.06 -33.87
CA LEU B 487 16.67 -5.49 -33.77
C LEU B 487 16.34 -5.86 -32.32
N TRP B 488 15.33 -6.70 -32.14
CA TRP B 488 14.94 -7.10 -30.80
C TRP B 488 14.86 -8.62 -30.75
N ASP B 489 14.80 -9.19 -29.55
CA ASP B 489 14.75 -10.63 -29.44
C ASP B 489 13.54 -11.21 -30.17
N TRP B 490 13.82 -12.23 -30.97
CA TRP B 490 12.84 -12.95 -31.76
C TRP B 490 12.20 -12.17 -32.91
N LYS B 491 12.80 -11.04 -33.27
CA LYS B 491 12.28 -10.25 -34.39
C LYS B 491 12.53 -11.04 -35.67
N GLY B 492 11.50 -11.17 -36.49
CA GLY B 492 11.64 -11.90 -37.74
C GLY B 492 11.94 -13.36 -37.52
N GLY B 493 11.58 -13.88 -36.35
CA GLY B 493 11.81 -15.28 -36.06
C GLY B 493 13.23 -15.65 -35.66
N ALA B 494 14.12 -14.66 -35.64
CA ALA B 494 15.52 -14.89 -35.27
C ALA B 494 15.75 -14.68 -33.78
N MET B 495 16.39 -15.66 -33.15
CA MET B 495 16.70 -15.61 -31.72
C MET B 495 17.06 -14.21 -31.22
N ASN B 496 18.04 -13.58 -31.87
CA ASN B 496 18.45 -12.23 -31.47
C ASN B 496 17.94 -11.18 -32.44
N GLY B 497 16.98 -11.59 -33.27
CA GLY B 497 16.40 -10.67 -34.22
C GLY B 497 17.13 -10.57 -35.54
N THR B 498 16.39 -10.17 -36.56
CA THR B 498 16.92 -10.01 -37.91
C THR B 498 15.92 -9.17 -38.69
N SER B 499 16.35 -8.62 -39.82
CA SER B 499 15.46 -7.79 -40.64
C SER B 499 14.58 -8.64 -41.53
N VAL B 500 13.57 -8.02 -42.11
CA VAL B 500 12.64 -8.69 -43.03
C VAL B 500 12.32 -7.73 -44.17
N ALA B 501 11.69 -8.25 -45.23
CA ALA B 501 11.34 -7.44 -46.39
C ALA B 501 10.52 -6.20 -46.02
N SER B 502 10.93 -5.05 -46.56
CA SER B 502 10.25 -3.79 -46.27
C SER B 502 8.75 -3.76 -46.60
N TYR B 503 8.28 -4.68 -47.45
CA TYR B 503 6.86 -4.67 -47.78
C TYR B 503 6.03 -5.16 -46.58
N TYR B 504 6.70 -5.66 -45.56
CA TYR B 504 5.98 -6.10 -44.36
C TYR B 504 5.53 -4.93 -43.48
N ASN B 505 5.86 -3.70 -43.89
CA ASN B 505 5.44 -2.52 -43.13
C ASN B 505 3.94 -2.29 -43.29
N LYS B 506 3.34 -3.05 -44.19
CA LYS B 506 1.90 -3.01 -44.44
C LYS B 506 1.44 -4.46 -44.44
N TYR B 507 0.23 -4.71 -43.96
CA TYR B 507 -0.31 -6.07 -43.97
C TYR B 507 -0.85 -6.35 -45.36
N PRO B 508 -1.00 -7.62 -45.72
CA PRO B 508 -1.52 -7.93 -47.05
C PRO B 508 -3.04 -7.88 -47.07
N ILE B 509 -3.63 -7.56 -48.22
CA ILE B 509 -5.08 -7.57 -48.32
C ILE B 509 -5.40 -9.06 -48.21
N PRO B 510 -6.32 -9.44 -47.32
CA PRO B 510 -6.64 -10.86 -47.21
C PRO B 510 -6.97 -11.46 -48.56
N VAL B 511 -6.44 -12.64 -48.85
CA VAL B 511 -6.67 -13.28 -50.14
C VAL B 511 -8.17 -13.44 -50.39
N SER B 512 -8.93 -13.68 -49.33
CA SER B 512 -10.36 -13.87 -49.48
C SER B 512 -11.07 -12.65 -50.06
N ASP B 513 -10.59 -11.45 -49.73
CA ASP B 513 -11.22 -10.24 -50.26
C ASP B 513 -10.69 -9.93 -51.65
N ILE B 514 -9.48 -10.38 -51.95
CA ILE B 514 -8.91 -10.15 -53.26
C ILE B 514 -9.81 -10.88 -54.25
N ASN B 515 -10.15 -12.13 -53.91
CA ASN B 515 -10.99 -12.96 -54.76
C ASN B 515 -12.43 -12.47 -54.84
N ASN B 516 -12.97 -12.01 -53.70
CA ASN B 516 -14.35 -11.55 -53.64
C ASN B 516 -14.60 -10.14 -54.20
N ASN B 517 -13.62 -9.26 -54.13
CA ASN B 517 -13.79 -7.89 -54.62
C ASN B 517 -12.70 -7.53 -55.63
N ARG B 518 -13.05 -7.56 -56.91
CA ARG B 518 -12.10 -7.27 -57.98
C ARG B 518 -11.59 -5.84 -57.96
N ASN B 519 -12.14 -5.03 -57.05
CA ASN B 519 -11.73 -3.63 -56.92
C ASN B 519 -10.49 -3.47 -56.04
N MET B 520 -10.17 -4.47 -55.23
CA MET B 520 -9.01 -4.41 -54.34
C MET B 520 -7.74 -4.97 -54.96
N SER B 521 -6.66 -4.20 -54.88
CA SER B 521 -5.39 -4.64 -55.41
C SER B 521 -4.45 -4.96 -54.24
N GLN B 522 -3.87 -6.15 -54.28
CA GLN B 522 -2.94 -6.62 -53.26
C GLN B 522 -1.80 -5.62 -53.04
N ASN B 523 -1.22 -5.63 -51.84
CA ASN B 523 -0.11 -4.71 -51.53
C ASN B 523 1.21 -5.21 -52.13
N GLU B 524 2.17 -4.31 -52.31
CA GLU B 524 3.47 -4.67 -52.88
C GLU B 524 4.24 -5.71 -52.08
N GLY B 525 4.93 -6.60 -52.80
CA GLY B 525 5.72 -7.63 -52.14
C GLY B 525 4.99 -8.93 -51.92
N TYR B 526 3.69 -8.86 -51.70
CA TYR B 526 2.90 -10.07 -51.48
C TYR B 526 2.52 -10.75 -52.78
N LYS B 527 2.23 -12.04 -52.70
CA LYS B 527 1.83 -12.79 -53.89
C LYS B 527 0.31 -12.71 -54.07
C1 GLC C . -2.35 -17.74 27.30
C2 GLC C . -2.57 -16.38 28.01
C3 GLC C . -4.05 -16.32 28.38
C4 GLC C . -4.90 -16.41 27.10
C5 GLC C . -4.54 -17.76 26.39
C6 GLC C . -5.33 -17.85 25.08
O1 GLC C . -0.97 -17.96 27.01
O2 GLC C . -1.79 -16.32 29.20
O3 GLC C . -4.34 -15.08 29.03
O4 GLC C . -6.30 -16.41 27.46
O5 GLC C . -3.12 -17.80 26.07
O6 GLC C . -5.08 -19.13 24.47
C1 GLC C . -7.01 -15.22 27.01
C2 GLC C . -8.05 -14.86 28.10
C3 GLC C . -8.96 -16.11 28.29
C4 GLC C . -9.65 -16.41 26.96
C5 GLC C . -8.56 -16.68 25.88
C6 GLC C . -9.21 -16.99 24.52
O2 GLC C . -7.39 -14.58 29.34
O3 GLC C . -9.95 -15.83 29.28
O4 GLC C . -10.48 -17.58 27.12
O5 GLC C . -7.68 -15.51 25.75
O6 GLC C . -9.95 -15.86 24.05
C1 GLC C . -11.86 -17.29 26.82
C2 GLC C . -12.78 -17.81 27.96
C3 GLC C . -12.55 -19.33 28.11
C4 GLC C . -12.91 -20.00 26.77
C5 GLC C . -12.01 -19.41 25.66
C6 GLC C . -12.38 -20.04 24.32
O2 GLC C . -12.45 -17.15 29.19
O3 GLC C . -13.38 -19.86 29.15
O4 GLC C . -12.69 -21.42 26.87
O5 GLC C . -12.22 -17.96 25.56
O6 GLC C . -11.26 -20.00 23.44
C1 GLC D . -10.86 -17.77 -25.23
C2 GLC D . -9.72 -17.07 -26.03
C3 GLC D . -8.62 -18.12 -26.27
C4 GLC D . -8.10 -18.60 -24.91
C5 GLC D . -9.30 -19.22 -24.13
C6 GLC D . -8.77 -19.69 -22.76
O1 GLC D . -11.96 -16.87 -25.02
O2 GLC D . -10.22 -16.63 -27.29
O3 GLC D . -7.53 -17.51 -27.01
O4 GLC D . -7.11 -19.62 -25.10
O5 GLC D . -10.35 -18.22 -23.94
O6 GLC D . -9.87 -20.14 -21.95
C1 GLC D . -5.75 -19.15 -24.95
C2 GLC D . -4.91 -19.83 -26.09
C3 GLC D . -5.09 -21.37 -25.96
C4 GLC D . -4.57 -21.79 -24.57
C5 GLC D . -5.39 -21.04 -23.49
C6 GLC D . -4.86 -21.42 -22.09
O2 GLC D . -5.41 -19.42 -27.36
O3 GLC D . -4.34 -22.04 -26.98
O4 GLC D . -4.77 -23.22 -24.45
O5 GLC D . -5.23 -19.59 -23.65
O6 GLC D . -5.94 -21.80 -21.23
C1 GLC D . -3.51 -23.89 -24.18
C2 GLC D . -3.32 -25.07 -25.19
C3 GLC D . -4.48 -26.04 -25.02
C4 GLC D . -4.50 -26.56 -23.56
C5 GLC D . -4.65 -25.33 -22.61
C6 GLC D . -4.63 -25.82 -21.17
O2 GLC D . -3.30 -24.57 -26.52
O3 GLC D . -4.32 -27.15 -25.92
O4 GLC D . -5.59 -27.47 -23.40
O5 GLC D . -3.54 -24.40 -22.81
O6 GLC D . -5.81 -25.37 -20.51
CA CA E . 12.43 -8.62 16.96
CA CA F . -15.89 -0.52 -16.50
#